data_3OWQ
#
_entry.id   3OWQ
#
_cell.length_a   56.510
_cell.length_b   157.041
_cell.length_c   57.277
_cell.angle_alpha   90.00
_cell.angle_beta   98.38
_cell.angle_gamma   90.00
#
_symmetry.space_group_name_H-M   'P 1 21 1'
#
loop_
_entity.id
_entity.type
_entity.pdbx_description
1 polymer 'Lin1025 protein'
2 non-polymer DI(HYDROXYETHYL)ETHER
3 water water
#
_entity_poly.entity_id   1
_entity_poly.type   'polypeptide(L)'
_entity_poly.pdbx_seq_one_letter_code
;(MSE)TETRTETKQKKPSTFTKV(MSE)KIASVTLLGILFFSITGLAAKYYITVQNTFTKINVPLETSNKTTSDLEKKKP
FSVLL(MSE)GSDARPGETNGRADTIILATANKQQNAVE(MSE)VSIPRDTKVDYGNGDIGKINASYSNGGPSGTVSAVE
KL(MSE)PGVPVDYFISIN(MSE)EGFKDLVDAVGGITVYNDIDLTEVNSKFVKGNITLNGTDALQYVRIRHEDPRGDFG
RQDRQRDVIIGIANKVISSSGVSNFESI(MSE)KAVGDNFQTN(MSE)TLTDITS(MSE)ATNYSSVLKNVDSQELKGEG
E(MSE)IYSESYGFDLYYFAPDETDLERVIN(MSE)FKKSLDITE
;
_entity_poly.pdbx_strand_id   A,B,C,D
#
# COMPACT_ATOMS: atom_id res chain seq x y z
N LYS A 70 -26.21 9.71 -15.47
CA LYS A 70 -24.76 9.79 -15.84
C LYS A 70 -24.60 9.62 -17.37
N LYS A 71 -24.87 10.70 -18.11
CA LYS A 71 -24.76 10.67 -19.57
C LYS A 71 -23.35 10.30 -20.02
N PRO A 72 -23.23 9.51 -21.09
CA PRO A 72 -21.90 9.14 -21.58
C PRO A 72 -21.23 10.35 -22.18
N PHE A 73 -19.90 10.32 -22.29
CA PHE A 73 -19.16 11.45 -22.82
C PHE A 73 -17.95 10.97 -23.59
N SER A 74 -17.36 11.87 -24.36
CA SER A 74 -16.17 11.52 -25.11
C SER A 74 -14.99 12.35 -24.63
N VAL A 75 -13.80 11.93 -25.02
CA VAL A 75 -12.59 12.63 -24.66
C VAL A 75 -11.53 12.25 -25.69
N LEU A 76 -10.96 13.26 -26.33
CA LEU A 76 -9.95 13.04 -27.35
C LEU A 76 -8.60 13.00 -26.68
N LEU A 77 -7.97 11.83 -26.74
CA LEU A 77 -6.65 11.62 -26.17
C LEU A 77 -5.62 11.97 -27.23
N GLY A 79 -1.25 12.78 -28.08
CA GLY A 79 0.15 12.61 -27.70
C GLY A 79 0.98 13.48 -28.63
N SER A 80 1.70 14.44 -28.08
CA SER A 80 2.54 15.32 -28.90
C SER A 80 3.99 14.85 -28.84
N ASP A 81 4.93 15.75 -29.11
CA ASP A 81 6.35 15.40 -29.08
C ASP A 81 7.23 16.64 -29.23
N ASN A 88 4.79 23.09 -36.82
CA ASN A 88 5.54 23.11 -35.57
C ASN A 88 5.21 21.87 -34.74
N GLY A 89 4.45 22.05 -33.66
CA GLY A 89 4.06 20.93 -32.83
C GLY A 89 3.10 20.04 -33.61
N ARG A 90 2.96 18.80 -33.18
CA ARG A 90 2.06 17.88 -33.87
C ARG A 90 1.35 16.93 -32.92
N ALA A 91 0.29 16.32 -33.43
CA ALA A 91 -0.46 15.36 -32.64
C ALA A 91 -0.12 14.00 -33.26
N ASP A 92 1.04 13.46 -32.86
CA ASP A 92 1.54 12.18 -33.38
C ASP A 92 0.72 10.94 -33.03
N THR A 93 -0.23 11.09 -32.12
CA THR A 93 -1.11 10.01 -31.72
C THR A 93 -2.41 10.71 -31.41
N ILE A 94 -3.51 10.16 -31.92
CA ILE A 94 -4.81 10.74 -31.71
C ILE A 94 -5.78 9.64 -31.41
N ILE A 95 -6.31 9.62 -30.19
CA ILE A 95 -7.27 8.60 -29.83
C ILE A 95 -8.55 9.22 -29.35
N LEU A 96 -9.67 8.74 -29.86
CA LEU A 96 -10.97 9.25 -29.46
C LEU A 96 -11.56 8.14 -28.60
N ALA A 97 -12.21 8.53 -27.51
CA ALA A 97 -12.78 7.53 -26.64
C ALA A 97 -14.14 7.95 -26.10
N THR A 98 -14.97 6.96 -25.83
CA THR A 98 -16.28 7.21 -25.26
C THR A 98 -16.53 6.26 -24.09
N ALA A 99 -16.98 6.85 -22.99
CA ALA A 99 -17.30 6.13 -21.78
C ALA A 99 -18.84 6.14 -21.66
N ASN A 100 -19.43 5.04 -21.23
CA ASN A 100 -20.88 4.94 -21.08
C ASN A 100 -21.25 4.10 -19.85
N LYS A 101 -21.87 4.74 -18.87
CA LYS A 101 -22.27 4.06 -17.63
C LYS A 101 -23.25 2.93 -17.90
N GLN A 102 -24.26 3.20 -18.71
CA GLN A 102 -25.25 2.20 -19.06
C GLN A 102 -24.51 1.04 -19.73
N GLN A 103 -24.16 1.21 -21.01
CA GLN A 103 -23.43 0.18 -21.75
C GLN A 103 -22.27 -0.34 -20.92
N ASN A 104 -21.78 0.51 -20.02
CA ASN A 104 -20.69 0.15 -19.11
C ASN A 104 -19.40 -0.26 -19.81
N ALA A 105 -18.96 0.55 -20.77
CA ALA A 105 -17.75 0.23 -21.51
C ALA A 105 -17.06 1.45 -22.13
N VAL A 106 -15.75 1.32 -22.32
CA VAL A 106 -14.96 2.37 -22.95
C VAL A 106 -14.74 1.95 -24.41
N GLU A 107 -14.96 2.88 -25.33
CA GLU A 107 -14.81 2.62 -26.75
C GLU A 107 -13.76 3.60 -27.32
N VAL A 109 -10.89 4.74 -30.36
CA VAL A 109 -10.54 4.62 -31.78
C VAL A 109 -9.29 5.48 -32.03
N SER A 110 -8.21 4.85 -32.49
CA SER A 110 -7.03 5.65 -32.80
C SER A 110 -7.08 6.04 -34.28
N ILE A 111 -7.19 7.32 -34.55
CA ILE A 111 -7.21 7.75 -35.94
C ILE A 111 -5.73 7.95 -36.35
N PRO A 112 -5.30 7.31 -37.44
CA PRO A 112 -3.90 7.45 -37.90
C PRO A 112 -3.47 8.91 -38.04
N ARG A 113 -2.24 9.19 -37.62
CA ARG A 113 -1.70 10.55 -37.66
C ARG A 113 -1.57 11.18 -39.04
N ASP A 114 -1.64 10.37 -40.08
CA ASP A 114 -1.49 10.88 -41.44
C ASP A 114 -2.78 11.11 -42.22
N THR A 115 -3.90 10.91 -41.53
CA THR A 115 -5.23 11.07 -42.11
C THR A 115 -5.38 12.38 -42.84
N LYS A 116 -5.74 12.28 -44.12
CA LYS A 116 -5.91 13.45 -44.98
C LYS A 116 -7.04 14.37 -44.56
N VAL A 117 -6.82 15.68 -44.67
CA VAL A 117 -7.86 16.64 -44.32
C VAL A 117 -7.86 17.77 -45.32
N ASP A 118 -9.04 18.17 -45.78
CA ASP A 118 -9.15 19.26 -46.73
C ASP A 118 -9.14 20.57 -45.99
N TYR A 119 -8.56 21.59 -46.61
CA TYR A 119 -8.53 22.92 -46.02
C TYR A 119 -9.40 23.77 -46.93
N GLY A 120 -9.52 23.31 -48.18
CA GLY A 120 -10.30 24.00 -49.18
C GLY A 120 -9.38 24.36 -50.33
N ASN A 121 -9.89 25.08 -51.31
CA ASN A 121 -9.09 25.51 -52.44
C ASN A 121 -8.08 24.45 -52.90
N ASP A 123 -5.61 22.54 -51.35
CA ASP A 123 -4.75 22.44 -50.18
C ASP A 123 -5.21 21.30 -49.27
N ILE A 124 -4.38 20.25 -49.20
CA ILE A 124 -4.70 19.11 -48.36
C ILE A 124 -3.75 19.10 -47.16
N GLY A 125 -3.91 18.14 -46.27
CA GLY A 125 -3.05 18.08 -45.10
C GLY A 125 -3.19 16.79 -44.33
N LYS A 126 -2.36 16.64 -43.31
CA LYS A 126 -2.36 15.47 -42.45
C LYS A 126 -3.05 15.94 -41.17
N ILE A 127 -3.86 15.07 -40.59
CA ILE A 127 -4.59 15.42 -39.39
C ILE A 127 -3.67 15.79 -38.22
N ASN A 128 -2.51 15.14 -38.12
CA ASN A 128 -1.60 15.44 -37.02
C ASN A 128 -1.19 16.93 -37.01
N ALA A 129 -1.25 17.57 -38.17
CA ALA A 129 -0.87 18.98 -38.29
C ALA A 129 -1.96 19.94 -37.86
N SER A 130 -3.07 19.41 -37.36
CA SER A 130 -4.17 20.28 -36.92
C SER A 130 -3.81 20.93 -35.60
N TYR A 131 -2.70 20.48 -35.02
CA TYR A 131 -2.24 20.99 -33.74
C TYR A 131 -1.67 22.39 -33.92
N SER A 132 -1.10 22.65 -35.11
CA SER A 132 -0.51 23.95 -35.40
C SER A 132 -1.51 25.07 -35.21
N ASN A 133 -2.76 24.78 -35.56
CA ASN A 133 -3.81 25.77 -35.44
C ASN A 133 -4.48 25.79 -34.07
N GLY A 134 -4.02 26.71 -33.22
CA GLY A 134 -4.58 26.86 -31.89
C GLY A 134 -4.20 25.84 -30.84
N GLY A 135 -3.14 25.07 -31.09
CA GLY A 135 -2.73 24.07 -30.13
C GLY A 135 -3.59 22.83 -30.23
N PRO A 136 -4.04 22.25 -29.11
CA PRO A 136 -4.88 21.04 -29.11
C PRO A 136 -6.32 21.23 -29.58
N SER A 137 -6.94 22.35 -29.19
CA SER A 137 -8.30 22.63 -29.60
C SER A 137 -8.40 22.47 -31.10
N GLY A 138 -7.34 22.85 -31.81
CA GLY A 138 -7.31 22.73 -33.25
C GLY A 138 -7.59 21.32 -33.73
N THR A 139 -6.88 20.34 -33.17
CA THR A 139 -7.02 18.93 -33.53
C THR A 139 -8.43 18.45 -33.24
N VAL A 140 -8.95 18.91 -32.11
CA VAL A 140 -10.30 18.57 -31.70
C VAL A 140 -11.25 18.92 -32.83
N SER A 141 -11.03 20.08 -33.43
CA SER A 141 -11.85 20.60 -34.52
C SER A 141 -11.68 19.78 -35.79
N ALA A 142 -10.51 19.17 -35.93
CA ALA A 142 -10.21 18.35 -37.10
C ALA A 142 -10.84 16.98 -36.95
N VAL A 143 -10.94 16.51 -35.71
CA VAL A 143 -11.53 15.20 -35.41
C VAL A 143 -13.04 15.28 -35.51
N GLU A 144 -13.59 16.44 -35.19
CA GLU A 144 -15.03 16.65 -35.24
C GLU A 144 -15.49 16.82 -36.68
N LYS A 145 -14.63 17.43 -37.49
CA LYS A 145 -14.95 17.61 -38.90
C LYS A 145 -14.83 16.25 -39.57
N LEU A 146 -13.86 15.46 -39.09
CA LEU A 146 -13.61 14.13 -39.60
C LEU A 146 -14.68 13.16 -39.14
N PRO A 148 -18.30 14.23 -38.40
CA PRO A 148 -19.47 15.10 -38.34
C PRO A 148 -20.55 14.73 -37.31
N GLY A 149 -20.90 13.46 -37.21
CA GLY A 149 -21.92 13.16 -36.23
C GLY A 149 -21.42 13.32 -34.79
N VAL A 150 -20.23 12.79 -34.53
CA VAL A 150 -19.62 12.78 -33.21
C VAL A 150 -19.12 14.08 -32.59
N PRO A 151 -19.50 14.33 -31.33
CA PRO A 151 -19.13 15.51 -30.54
C PRO A 151 -18.01 15.14 -29.56
N VAL A 152 -16.98 15.99 -29.48
CA VAL A 152 -15.86 15.76 -28.58
C VAL A 152 -16.09 16.59 -27.32
N ASP A 153 -16.31 15.92 -26.19
CA ASP A 153 -16.58 16.64 -24.94
C ASP A 153 -15.35 17.19 -24.24
N TYR A 154 -14.34 16.34 -24.06
CA TYR A 154 -13.12 16.77 -23.39
C TYR A 154 -11.89 16.40 -24.19
N PHE A 155 -10.76 16.98 -23.82
CA PHE A 155 -9.52 16.65 -24.50
C PHE A 155 -8.41 16.61 -23.46
N ILE A 156 -7.37 15.84 -23.74
CA ILE A 156 -6.26 15.73 -22.81
C ILE A 156 -5.02 15.40 -23.65
N SER A 157 -4.11 16.35 -23.73
CA SER A 157 -2.88 16.20 -24.50
C SER A 157 -1.61 16.21 -23.63
N ILE A 158 -0.66 15.36 -23.96
CA ILE A 158 0.60 15.27 -23.23
C ILE A 158 1.74 15.01 -24.19
N ASN A 159 2.92 15.53 -23.88
CA ASN A 159 4.10 15.29 -24.70
C ASN A 159 4.72 14.07 -24.03
N GLU A 161 7.43 13.84 -22.24
CA GLU A 161 7.93 14.14 -20.91
C GLU A 161 6.74 14.00 -19.97
N GLY A 162 5.68 14.74 -20.28
CA GLY A 162 4.47 14.69 -19.46
C GLY A 162 4.03 13.23 -19.26
N PHE A 163 4.18 12.41 -20.28
CA PHE A 163 3.80 11.02 -20.15
C PHE A 163 4.61 10.36 -19.05
N LYS A 164 5.94 10.31 -19.23
CA LYS A 164 6.85 9.69 -18.24
C LYS A 164 6.50 10.10 -16.80
N ASP A 165 6.37 11.42 -16.58
CA ASP A 165 6.02 11.91 -15.25
C ASP A 165 4.70 11.22 -14.85
N LEU A 166 3.60 11.63 -15.47
CA LEU A 166 2.28 11.08 -15.20
C LEU A 166 2.25 9.65 -14.69
N VAL A 167 3.07 8.78 -15.26
CA VAL A 167 3.09 7.38 -14.83
C VAL A 167 3.70 7.25 -13.43
N ASP A 168 4.80 7.94 -13.19
CA ASP A 168 5.48 7.90 -11.91
C ASP A 168 4.69 8.62 -10.82
N ALA A 169 4.06 9.73 -11.21
CA ALA A 169 3.24 10.51 -10.28
C ALA A 169 2.10 9.67 -9.73
N VAL A 170 1.78 8.58 -10.42
CA VAL A 170 0.69 7.72 -9.98
C VAL A 170 1.24 6.41 -9.42
N GLY A 171 2.56 6.36 -9.27
CA GLY A 171 3.21 5.20 -8.69
C GLY A 171 3.65 4.14 -9.67
N GLY A 172 3.46 4.40 -10.95
CA GLY A 172 3.83 3.42 -11.95
C GLY A 172 2.58 2.64 -12.25
N ILE A 173 2.49 2.12 -13.47
CA ILE A 173 1.31 1.37 -13.83
C ILE A 173 1.65 -0.09 -13.83
N THR A 174 0.63 -0.91 -14.09
CA THR A 174 0.82 -2.34 -14.16
C THR A 174 0.01 -2.81 -15.38
N VAL A 175 0.60 -3.68 -16.19
CA VAL A 175 -0.07 -4.18 -17.40
C VAL A 175 0.20 -5.66 -17.68
N TYR A 176 -0.71 -6.32 -18.38
CA TYR A 176 -0.46 -7.71 -18.71
C TYR A 176 0.29 -7.73 -20.05
N ASN A 177 1.52 -8.22 -20.03
CA ASN A 177 2.27 -8.29 -21.27
C ASN A 177 2.07 -9.65 -21.89
N ASP A 178 1.59 -9.63 -23.13
CA ASP A 178 1.29 -10.84 -23.90
C ASP A 178 2.52 -11.63 -24.34
N ILE A 179 3.54 -10.94 -24.82
CA ILE A 179 4.73 -11.62 -25.32
C ILE A 179 6.08 -11.28 -24.72
N ASP A 180 6.91 -12.31 -24.60
CA ASP A 180 8.26 -12.19 -24.07
C ASP A 180 8.97 -11.10 -24.86
N LEU A 181 9.30 -10.00 -24.19
CA LEU A 181 9.98 -8.89 -24.83
C LEU A 181 11.23 -8.51 -24.06
N THR A 182 11.84 -9.50 -23.42
CA THR A 182 13.02 -9.26 -22.62
C THR A 182 14.26 -8.85 -23.39
N GLU A 183 14.16 -8.82 -24.72
CA GLU A 183 15.30 -8.41 -25.53
C GLU A 183 15.37 -6.88 -25.60
N VAL A 184 14.32 -6.22 -25.12
CA VAL A 184 14.25 -4.76 -25.10
C VAL A 184 14.57 -4.27 -23.71
N ASN A 185 14.00 -4.95 -22.73
CA ASN A 185 14.22 -4.61 -21.33
C ASN A 185 13.90 -5.84 -20.52
N SER A 186 14.86 -6.23 -19.68
CA SER A 186 14.72 -7.40 -18.81
C SER A 186 13.37 -7.47 -18.09
N LYS A 187 12.78 -6.32 -17.80
CA LYS A 187 11.49 -6.29 -17.12
C LYS A 187 10.31 -6.71 -18.01
N PHE A 188 10.46 -6.55 -19.33
CA PHE A 188 9.38 -6.91 -20.25
C PHE A 188 9.20 -8.41 -20.45
N VAL A 189 9.09 -9.13 -19.35
CA VAL A 189 8.86 -10.56 -19.33
C VAL A 189 7.37 -10.77 -19.61
N LYS A 190 6.89 -11.99 -19.41
CA LYS A 190 5.48 -12.30 -19.64
C LYS A 190 4.65 -12.12 -18.36
N GLY A 191 3.35 -11.95 -18.53
CA GLY A 191 2.44 -11.77 -17.41
C GLY A 191 2.27 -10.31 -17.06
N ASN A 192 1.87 -10.02 -15.82
CA ASN A 192 1.69 -8.64 -15.37
C ASN A 192 3.02 -8.07 -14.91
N ILE A 193 3.36 -6.90 -15.45
CA ILE A 193 4.59 -6.22 -15.12
C ILE A 193 4.31 -4.78 -14.69
N THR A 194 5.16 -4.25 -13.82
CA THR A 194 5.02 -2.89 -13.33
C THR A 194 6.05 -1.99 -14.01
N LEU A 195 5.60 -0.86 -14.54
CA LEU A 195 6.47 0.07 -15.23
C LEU A 195 6.42 1.50 -14.73
N ASN A 196 7.60 2.11 -14.63
CA ASN A 196 7.72 3.50 -14.24
C ASN A 196 7.75 4.30 -15.55
N GLY A 197 7.62 5.62 -15.46
CA GLY A 197 7.62 6.47 -16.66
C GLY A 197 8.51 6.03 -17.82
N THR A 198 9.82 6.14 -17.62
CA THR A 198 10.80 5.76 -18.62
C THR A 198 10.49 4.37 -19.20
N ASP A 199 10.43 3.37 -18.33
CA ASP A 199 10.14 2.01 -18.77
C ASP A 199 8.82 1.85 -19.54
N ALA A 200 7.79 2.60 -19.14
CA ALA A 200 6.51 2.51 -19.83
C ALA A 200 6.64 3.01 -21.26
N LEU A 201 7.33 4.14 -21.44
CA LEU A 201 7.53 4.72 -22.77
C LEU A 201 8.33 3.75 -23.64
N GLN A 202 9.36 3.12 -23.08
CA GLN A 202 10.16 2.17 -23.85
C GLN A 202 9.27 1.00 -24.24
N TYR A 203 8.29 0.70 -23.40
CA TYR A 203 7.35 -0.38 -23.66
C TYR A 203 6.47 -0.02 -24.85
N VAL A 204 5.82 1.14 -24.77
CA VAL A 204 4.92 1.64 -25.81
C VAL A 204 5.55 1.88 -27.18
N ARG A 205 6.82 2.28 -27.19
CA ARG A 205 7.50 2.55 -28.45
C ARG A 205 8.02 1.31 -29.18
N ILE A 206 7.95 0.13 -28.54
CA ILE A 206 8.44 -1.10 -29.17
C ILE A 206 7.89 -1.25 -30.58
N ARG A 207 8.58 -1.99 -31.43
CA ARG A 207 8.10 -2.22 -32.79
C ARG A 207 8.56 -3.56 -33.35
N HIS A 208 9.68 -3.55 -34.05
CA HIS A 208 10.21 -4.76 -34.65
C HIS A 208 10.14 -5.97 -33.73
N GLU A 209 10.39 -5.77 -32.44
CA GLU A 209 10.40 -6.87 -31.47
C GLU A 209 9.08 -7.59 -31.24
N ASP A 210 7.97 -6.89 -31.51
CA ASP A 210 6.63 -7.46 -31.34
C ASP A 210 6.08 -8.04 -32.65
N PRO A 211 5.82 -9.35 -32.69
CA PRO A 211 5.31 -10.04 -33.87
C PRO A 211 3.95 -9.54 -34.35
N ARG A 212 3.25 -8.79 -33.50
CA ARG A 212 1.91 -8.28 -33.84
C ARG A 212 1.85 -6.97 -34.65
N GLY A 213 3.00 -6.49 -35.11
CA GLY A 213 3.00 -5.30 -35.92
C GLY A 213 2.26 -4.09 -35.39
N ASP A 214 1.49 -3.43 -36.24
CA ASP A 214 0.75 -2.24 -35.82
C ASP A 214 -0.26 -2.53 -34.73
N PHE A 215 -1.00 -3.62 -34.84
CA PHE A 215 -1.97 -3.96 -33.82
C PHE A 215 -1.24 -4.14 -32.49
N GLY A 216 0.00 -4.64 -32.58
CA GLY A 216 0.81 -4.84 -31.39
C GLY A 216 1.11 -3.54 -30.69
N ARG A 217 1.59 -2.54 -31.43
CA ARG A 217 1.92 -1.25 -30.85
C ARG A 217 0.63 -0.64 -30.33
N GLN A 218 -0.47 -1.01 -30.98
CA GLN A 218 -1.79 -0.52 -30.62
C GLN A 218 -2.25 -1.11 -29.28
N ASP A 219 -2.09 -2.42 -29.09
CA ASP A 219 -2.47 -3.03 -27.83
C ASP A 219 -1.69 -2.38 -26.71
N ARG A 220 -0.36 -2.39 -26.85
CA ARG A 220 0.56 -1.83 -25.88
C ARG A 220 0.22 -0.39 -25.56
N GLN A 221 -0.24 0.35 -26.56
CA GLN A 221 -0.61 1.74 -26.37
C GLN A 221 -1.82 1.76 -25.44
N ARG A 222 -2.80 0.93 -25.79
CA ARG A 222 -4.01 0.80 -25.01
C ARG A 222 -3.70 0.38 -23.58
N ASP A 223 -2.97 -0.72 -23.41
CA ASP A 223 -2.61 -1.25 -22.08
C ASP A 223 -2.04 -0.22 -21.13
N VAL A 224 -1.17 0.64 -21.64
CA VAL A 224 -0.58 1.67 -20.79
C VAL A 224 -1.65 2.70 -20.38
N ILE A 225 -2.54 3.06 -21.30
CA ILE A 225 -3.60 4.03 -21.03
C ILE A 225 -4.59 3.54 -19.98
N ILE A 226 -4.93 2.26 -20.05
CA ILE A 226 -5.87 1.69 -19.09
C ILE A 226 -5.11 1.43 -17.80
N GLY A 227 -3.81 1.13 -17.94
CA GLY A 227 -2.97 0.88 -16.78
C GLY A 227 -2.83 2.13 -15.94
N ILE A 228 -2.82 3.28 -16.62
CA ILE A 228 -2.70 4.57 -15.96
C ILE A 228 -4.01 4.91 -15.31
N ALA A 229 -5.10 4.56 -15.98
CA ALA A 229 -6.44 4.83 -15.49
C ALA A 229 -6.87 4.01 -14.27
N ASN A 230 -6.40 2.77 -14.17
CA ASN A 230 -6.76 1.90 -13.05
C ASN A 230 -6.11 2.39 -11.77
N LYS A 231 -5.02 3.13 -11.94
CA LYS A 231 -4.31 3.69 -10.80
C LYS A 231 -5.07 4.93 -10.35
N VAL A 232 -5.34 5.83 -11.29
CA VAL A 232 -6.06 7.07 -10.99
C VAL A 232 -7.27 6.85 -10.10
N ILE A 233 -7.84 5.66 -10.12
CA ILE A 233 -9.02 5.38 -9.31
C ILE A 233 -8.81 4.37 -8.17
N SER A 234 -7.86 4.64 -7.28
CA SER A 234 -7.61 3.71 -6.18
C SER A 234 -7.47 4.41 -4.82
N GLU A 242 -6.50 14.11 -9.52
CA GLU A 242 -5.88 14.67 -8.33
C GLU A 242 -4.86 15.78 -8.61
N SER A 243 -4.36 16.40 -7.54
CA SER A 243 -3.36 17.46 -7.59
C SER A 243 -2.05 17.01 -8.25
N ILE A 244 -2.08 15.84 -8.88
CA ILE A 244 -0.91 15.28 -9.58
C ILE A 244 -0.74 16.04 -10.90
N LYS A 246 0.13 18.83 -11.07
CA LYS A 246 1.11 19.83 -10.70
C LYS A 246 2.46 19.21 -10.97
N ALA A 247 2.57 17.92 -10.66
CA ALA A 247 3.81 17.19 -10.89
C ALA A 247 4.06 17.08 -12.39
N VAL A 248 2.98 17.08 -13.18
CA VAL A 248 3.04 16.99 -14.64
C VAL A 248 2.96 18.38 -15.27
N GLY A 249 2.23 19.26 -14.60
CA GLY A 249 2.08 20.63 -15.06
C GLY A 249 2.01 20.97 -16.53
N ASP A 250 2.93 21.83 -16.96
CA ASP A 250 3.04 22.30 -18.34
C ASP A 250 2.96 21.29 -19.48
N ASN A 251 3.38 20.06 -19.23
CA ASN A 251 3.35 19.03 -20.25
C ASN A 251 1.97 18.34 -20.39
N PHE A 252 1.01 18.76 -19.58
CA PHE A 252 -0.33 18.19 -19.57
C PHE A 252 -1.31 19.33 -19.79
N GLN A 253 -2.30 19.11 -20.64
CA GLN A 253 -3.31 20.12 -20.92
C GLN A 253 -4.65 19.45 -21.15
N THR A 254 -5.68 19.96 -20.47
CA THR A 254 -7.01 19.40 -20.57
C THR A 254 -8.06 20.48 -20.35
N ASN A 255 -9.18 20.38 -21.06
CA ASN A 255 -10.21 21.35 -20.86
C ASN A 255 -10.95 20.92 -19.58
N THR A 257 -11.60 19.99 -15.63
CA THR A 257 -11.22 20.66 -14.41
C THR A 257 -10.80 19.62 -13.38
N LEU A 258 -10.54 20.08 -12.16
CA LEU A 258 -10.13 19.19 -11.09
C LEU A 258 -11.38 18.46 -10.58
N THR A 259 -12.49 19.18 -10.53
CA THR A 259 -13.74 18.61 -10.09
C THR A 259 -14.28 17.70 -11.20
N ASP A 260 -13.77 17.89 -12.41
CA ASP A 260 -14.17 17.06 -13.55
C ASP A 260 -13.63 15.64 -13.36
N ILE A 261 -12.31 15.53 -13.20
CA ILE A 261 -11.67 14.24 -12.99
C ILE A 261 -12.36 13.55 -11.84
N THR A 262 -12.59 14.31 -10.77
CA THR A 262 -13.23 13.79 -9.57
C THR A 262 -14.51 13.01 -9.90
N SER A 263 -15.45 13.69 -10.55
CA SER A 263 -16.73 13.07 -10.92
C SER A 263 -16.59 11.83 -11.79
N ALA A 265 -13.98 9.62 -11.79
CA ALA A 265 -13.48 8.50 -11.01
C ALA A 265 -14.57 7.99 -10.09
N THR A 266 -15.41 8.90 -9.61
CA THR A 266 -16.47 8.52 -8.70
C THR A 266 -17.79 8.10 -9.36
N ASN A 267 -17.88 8.23 -10.69
CA ASN A 267 -19.12 7.85 -11.38
C ASN A 267 -18.93 6.90 -12.55
N TYR A 268 -17.83 7.05 -13.27
CA TYR A 268 -17.57 6.21 -14.44
C TYR A 268 -16.55 5.08 -14.24
N SER A 269 -16.09 4.92 -13.01
CA SER A 269 -15.14 3.88 -12.63
C SER A 269 -15.43 2.52 -13.31
N SER A 270 -16.71 2.20 -13.46
CA SER A 270 -17.17 0.95 -14.04
C SER A 270 -16.85 0.82 -15.53
N VAL A 271 -16.90 1.96 -16.22
CA VAL A 271 -16.64 2.01 -17.64
C VAL A 271 -15.31 1.34 -18.05
N LEU A 272 -14.42 1.11 -17.08
CA LEU A 272 -13.14 0.48 -17.38
C LEU A 272 -13.21 -1.04 -17.37
N LYS A 273 -14.39 -1.55 -17.08
CA LYS A 273 -14.60 -3.00 -17.05
C LYS A 273 -14.41 -3.55 -18.47
N ASN A 274 -15.07 -2.90 -19.43
CA ASN A 274 -15.00 -3.29 -20.84
C ASN A 274 -14.37 -2.19 -21.69
N VAL A 275 -13.21 -2.46 -22.28
CA VAL A 275 -12.54 -1.47 -23.11
C VAL A 275 -12.12 -2.00 -24.48
N ASP A 276 -12.82 -1.56 -25.52
CA ASP A 276 -12.48 -2.01 -26.87
C ASP A 276 -11.92 -0.89 -27.75
N SER A 277 -10.65 -1.02 -28.12
CA SER A 277 -10.02 -0.03 -28.98
C SER A 277 -9.76 -0.66 -30.34
N GLN A 278 -9.84 0.16 -31.39
CA GLN A 278 -9.61 -0.35 -32.73
C GLN A 278 -9.01 0.74 -33.59
N GLU A 279 -8.49 0.36 -34.75
CA GLU A 279 -7.89 1.34 -35.63
C GLU A 279 -8.72 1.60 -36.88
N LEU A 280 -8.87 2.88 -37.20
CA LEU A 280 -9.62 3.30 -38.37
C LEU A 280 -8.98 2.70 -39.62
N LYS A 281 -9.74 1.87 -40.34
CA LYS A 281 -9.29 1.20 -41.56
C LYS A 281 -9.29 2.15 -42.76
N GLY A 282 -8.33 1.94 -43.66
CA GLY A 282 -8.25 2.79 -44.83
C GLY A 282 -7.06 2.37 -45.68
N GLU A 283 -6.51 3.31 -46.43
CA GLU A 283 -5.38 3.01 -47.28
C GLU A 283 -4.48 4.21 -47.36
N GLY A 284 -3.19 3.96 -47.50
CA GLY A 284 -2.25 5.05 -47.59
C GLY A 284 -2.11 5.41 -49.05
N GLU A 285 -1.71 6.65 -49.33
CA GLU A 285 -1.54 7.11 -50.69
C GLU A 285 -0.54 8.26 -50.81
N ILE A 287 0.46 11.62 -52.58
CA ILE A 287 -0.08 12.70 -53.36
C ILE A 287 0.96 13.81 -53.44
N TYR A 288 1.35 14.15 -54.65
CA TYR A 288 2.35 15.17 -54.91
C TYR A 288 2.04 16.42 -54.08
N SER A 289 3.08 17.13 -53.66
CA SER A 289 2.92 18.36 -52.88
C SER A 289 3.50 19.55 -53.63
N GLU A 290 2.70 20.61 -53.80
CA GLU A 290 3.15 21.81 -54.50
C GLU A 290 4.24 22.59 -53.77
N SER A 291 4.10 22.70 -52.45
CA SER A 291 5.06 23.44 -51.64
C SER A 291 6.43 22.78 -51.49
N TYR A 292 6.43 21.53 -51.07
CA TYR A 292 7.67 20.79 -50.87
C TYR A 292 8.40 20.44 -52.15
N GLY A 293 7.67 19.86 -53.09
CA GLY A 293 8.28 19.47 -54.34
C GLY A 293 8.19 17.97 -54.61
N PHE A 294 7.47 17.25 -53.75
CA PHE A 294 7.33 15.81 -53.97
C PHE A 294 6.11 15.19 -53.33
N ASP A 295 6.00 13.87 -53.47
CA ASP A 295 4.88 13.14 -52.89
C ASP A 295 5.02 13.04 -51.37
N LEU A 296 3.91 13.21 -50.67
CA LEU A 296 3.86 13.09 -49.22
C LEU A 296 2.96 11.88 -48.96
N TYR A 297 2.88 11.41 -47.71
CA TYR A 297 2.05 10.26 -47.37
C TYR A 297 0.75 10.70 -46.70
N TYR A 298 -0.36 10.10 -47.13
CA TYR A 298 -1.67 10.40 -46.55
C TYR A 298 -2.42 9.10 -46.34
N PHE A 299 -3.36 9.13 -45.40
CA PHE A 299 -4.17 7.96 -45.09
C PHE A 299 -5.61 8.25 -45.49
N ALA A 300 -6.13 7.44 -46.40
CA ALA A 300 -7.51 7.59 -46.87
C ALA A 300 -8.36 6.62 -46.06
N PRO A 301 -9.10 7.14 -45.07
CA PRO A 301 -9.90 6.19 -44.31
C PRO A 301 -11.06 5.64 -45.13
N ASP A 302 -11.32 4.36 -44.95
CA ASP A 302 -12.40 3.68 -45.64
C ASP A 302 -13.75 4.34 -45.34
N GLU A 303 -14.37 4.92 -46.35
CA GLU A 303 -15.65 5.59 -46.16
C GLU A 303 -16.66 4.67 -45.52
N THR A 304 -16.60 3.39 -45.86
CA THR A 304 -17.54 2.43 -45.28
C THR A 304 -17.32 2.24 -43.78
N ASP A 305 -16.07 2.05 -43.39
CA ASP A 305 -15.79 1.84 -41.98
C ASP A 305 -15.92 3.13 -41.18
N LEU A 306 -15.61 4.26 -41.81
CA LEU A 306 -15.73 5.55 -41.13
C LEU A 306 -17.13 5.74 -40.55
N GLU A 307 -18.13 5.18 -41.24
CA GLU A 307 -19.50 5.31 -40.77
C GLU A 307 -19.77 4.33 -39.65
N ARG A 308 -19.30 3.10 -39.82
CA ARG A 308 -19.48 2.05 -38.83
C ARG A 308 -19.00 2.57 -37.48
N VAL A 309 -17.80 3.17 -37.45
CA VAL A 309 -17.24 3.74 -36.21
C VAL A 309 -17.95 5.05 -35.84
N ILE A 310 -18.36 5.86 -36.83
CA ILE A 310 -19.04 7.10 -36.49
C ILE A 310 -20.36 6.76 -35.80
N ASN A 311 -21.14 5.87 -36.40
CA ASN A 311 -22.41 5.49 -35.83
C ASN A 311 -22.20 4.78 -34.50
N PHE A 313 -19.95 5.37 -32.36
CA PHE A 313 -19.71 6.42 -31.38
C PHE A 313 -21.01 7.14 -31.03
N LYS A 314 -21.87 7.34 -32.03
CA LYS A 314 -23.16 7.98 -31.79
C LYS A 314 -24.00 7.11 -30.84
N LYS A 315 -23.96 5.80 -31.09
CA LYS A 315 -24.69 4.83 -30.29
C LYS A 315 -24.03 4.73 -28.92
N SER A 316 -22.76 5.11 -28.88
CA SER A 316 -22.02 5.07 -27.63
C SER A 316 -22.51 6.24 -26.76
N LEU A 317 -22.84 7.35 -27.41
CA LEU A 317 -23.29 8.53 -26.70
C LEU A 317 -24.81 8.77 -26.73
N ASP A 318 -25.58 7.74 -27.11
CA ASP A 318 -27.05 7.86 -27.19
C ASP A 318 -27.50 9.04 -28.08
N ILE A 319 -27.40 8.90 -29.40
CA ILE A 319 -27.81 9.99 -30.30
C ILE A 319 -28.99 10.77 -29.74
N THR A 320 -28.78 12.06 -29.49
CA THR A 320 -29.80 12.96 -28.94
C THR A 320 -31.24 12.61 -29.31
N LYS B 70 -1.47 -27.21 -24.76
CA LYS B 70 -2.53 -26.21 -25.12
C LYS B 70 -3.94 -26.75 -24.92
N LYS B 71 -4.06 -28.07 -24.78
CA LYS B 71 -5.38 -28.69 -24.60
C LYS B 71 -6.11 -28.01 -23.43
N PRO B 72 -7.35 -27.60 -23.65
CA PRO B 72 -8.18 -26.94 -22.63
C PRO B 72 -8.26 -27.81 -21.39
N PHE B 73 -8.10 -27.24 -20.21
CA PHE B 73 -8.21 -28.07 -19.02
C PHE B 73 -9.25 -27.51 -18.06
N SER B 74 -9.52 -28.25 -17.00
CA SER B 74 -10.51 -27.84 -16.03
C SER B 74 -9.94 -28.04 -14.66
N VAL B 75 -10.34 -27.18 -13.72
CA VAL B 75 -9.86 -27.29 -12.37
C VAL B 75 -11.07 -27.02 -11.46
N LEU B 76 -11.09 -27.69 -10.32
CA LEU B 76 -12.16 -27.52 -9.34
C LEU B 76 -11.57 -26.74 -8.16
N LEU B 77 -12.24 -25.68 -7.76
CA LEU B 77 -11.79 -24.85 -6.64
C LEU B 77 -12.72 -25.02 -5.46
N GLY B 79 -13.26 -24.66 -0.83
CA GLY B 79 -13.01 -23.92 0.39
C GLY B 79 -13.60 -24.78 1.48
N SER B 80 -12.91 -24.90 2.62
CA SER B 80 -13.42 -25.72 3.71
C SER B 80 -12.84 -25.31 5.05
N ASP B 81 -12.21 -26.26 5.75
CA ASP B 81 -11.60 -26.01 7.05
C ASP B 81 -10.69 -27.15 7.50
N ASN B 88 -13.60 -33.59 10.16
CA ASN B 88 -14.52 -34.06 9.13
C ASN B 88 -15.27 -32.89 8.50
N GLY B 89 -14.52 -31.87 8.06
CA GLY B 89 -15.11 -30.69 7.45
C GLY B 89 -15.87 -30.99 6.17
N ARG B 90 -16.02 -29.98 5.32
CA ARG B 90 -16.75 -30.15 4.07
C ARG B 90 -16.55 -29.03 3.05
N ALA B 91 -16.56 -29.38 1.77
CA ALA B 91 -16.40 -28.40 0.70
C ALA B 91 -17.57 -27.44 0.79
N ASP B 92 -17.35 -26.23 1.29
CA ASP B 92 -18.46 -25.29 1.42
C ASP B 92 -18.59 -24.32 0.25
N THR B 93 -17.61 -24.34 -0.65
CA THR B 93 -17.62 -23.50 -1.84
C THR B 93 -17.04 -24.35 -2.98
N ILE B 94 -17.77 -24.47 -4.07
CA ILE B 94 -17.31 -25.28 -5.19
C ILE B 94 -17.46 -24.49 -6.48
N ILE B 95 -16.35 -24.37 -7.23
CA ILE B 95 -16.36 -23.67 -8.50
C ILE B 95 -15.65 -24.51 -9.56
N LEU B 96 -16.37 -24.93 -10.59
CA LEU B 96 -15.73 -25.69 -11.65
C LEU B 96 -15.20 -24.62 -12.59
N ALA B 97 -13.95 -24.78 -13.00
CA ALA B 97 -13.30 -23.82 -13.89
C ALA B 97 -12.71 -24.50 -15.12
N THR B 98 -12.94 -23.89 -16.27
CA THR B 98 -12.44 -24.40 -17.53
C THR B 98 -11.60 -23.35 -18.25
N ALA B 99 -10.40 -23.74 -18.70
CA ALA B 99 -9.52 -22.78 -19.39
C ALA B 99 -8.84 -23.29 -20.66
N ASN B 100 -8.89 -22.48 -21.73
CA ASN B 100 -8.25 -22.84 -23.00
C ASN B 100 -7.81 -21.69 -23.90
N LYS B 101 -6.62 -21.87 -24.50
CA LYS B 101 -6.04 -20.88 -25.41
C LYS B 101 -6.94 -20.57 -26.60
N GLN B 102 -7.31 -21.61 -27.35
CA GLN B 102 -8.18 -21.47 -28.52
C GLN B 102 -9.17 -20.32 -28.35
N GLN B 103 -10.23 -20.57 -27.58
CA GLN B 103 -11.25 -19.55 -27.34
C GLN B 103 -10.64 -18.50 -26.42
N ASN B 104 -9.54 -18.89 -25.78
CA ASN B 104 -8.79 -18.04 -24.86
C ASN B 104 -9.68 -17.48 -23.77
N ALA B 105 -10.23 -18.37 -22.93
CA ALA B 105 -11.10 -17.92 -21.85
C ALA B 105 -11.23 -18.90 -20.67
N VAL B 106 -11.88 -18.41 -19.62
CA VAL B 106 -12.12 -19.21 -18.43
C VAL B 106 -13.62 -19.25 -18.13
N GLU B 107 -14.11 -20.42 -17.78
CA GLU B 107 -15.54 -20.57 -17.46
C GLU B 107 -15.64 -21.08 -16.03
N VAL B 109 -18.30 -22.03 -12.90
CA VAL B 109 -19.66 -22.31 -12.51
C VAL B 109 -19.66 -22.68 -11.03
N SER B 110 -20.30 -21.84 -10.22
CA SER B 110 -20.36 -22.12 -8.80
C SER B 110 -21.56 -23.00 -8.47
N ILE B 111 -21.30 -24.18 -7.91
CA ILE B 111 -22.42 -25.05 -7.57
C ILE B 111 -22.70 -24.90 -6.08
N PRO B 112 -23.90 -24.40 -5.73
CA PRO B 112 -24.33 -24.20 -4.34
C PRO B 112 -23.90 -25.35 -3.44
N ARG B 113 -23.27 -25.01 -2.31
CA ARG B 113 -22.79 -26.00 -1.36
C ARG B 113 -23.87 -27.00 -0.94
N ASP B 114 -25.14 -26.60 -1.04
CA ASP B 114 -26.29 -27.43 -0.66
C ASP B 114 -26.93 -28.26 -1.79
N THR B 115 -26.39 -28.12 -3.01
CA THR B 115 -26.88 -28.83 -4.18
C THR B 115 -27.20 -30.28 -3.90
N LYS B 116 -28.48 -30.64 -4.05
CA LYS B 116 -28.96 -31.99 -3.80
C LYS B 116 -28.11 -32.99 -4.58
N VAL B 117 -27.55 -33.98 -3.90
CA VAL B 117 -26.73 -34.97 -4.58
C VAL B 117 -27.29 -36.39 -4.46
N ASN B 121 -29.97 -45.68 -2.54
CA ASN B 121 -30.96 -46.32 -1.67
C ASN B 121 -32.24 -45.52 -1.68
N GLY B 122 -32.08 -44.20 -1.67
CA GLY B 122 -33.21 -43.30 -1.62
C GLY B 122 -32.81 -42.35 -0.52
N ASP B 123 -31.50 -42.30 -0.32
CA ASP B 123 -30.87 -41.43 0.66
C ASP B 123 -30.28 -40.26 -0.10
N ILE B 124 -30.70 -39.07 0.31
CA ILE B 124 -30.28 -37.83 -0.29
C ILE B 124 -29.13 -37.21 0.50
N GLY B 125 -28.21 -36.57 -0.23
CA GLY B 125 -27.08 -35.90 0.40
C GLY B 125 -26.87 -34.53 -0.22
N LYS B 126 -26.13 -33.67 0.48
CA LYS B 126 -25.80 -32.32 -0.01
C LYS B 126 -24.32 -32.35 -0.45
N ILE B 127 -24.03 -31.75 -1.60
CA ILE B 127 -22.68 -31.69 -2.13
C ILE B 127 -21.56 -31.42 -1.11
N ASN B 128 -21.75 -30.42 -0.26
CA ASN B 128 -20.74 -30.08 0.75
C ASN B 128 -20.23 -31.31 1.52
N ALA B 129 -21.12 -32.26 1.79
CA ALA B 129 -20.77 -33.44 2.53
C ALA B 129 -19.78 -34.34 1.82
N SER B 130 -19.73 -34.23 0.50
CA SER B 130 -18.84 -35.05 -0.34
C SER B 130 -17.37 -35.07 0.13
N TYR B 131 -16.93 -34.00 0.77
CA TYR B 131 -15.55 -33.90 1.25
C TYR B 131 -15.22 -35.10 2.14
N SER B 132 -16.12 -35.41 3.06
CA SER B 132 -15.97 -36.51 4.01
C SER B 132 -15.37 -37.78 3.40
N ASN B 133 -15.78 -38.09 2.17
CA ASN B 133 -15.31 -39.29 1.50
C ASN B 133 -13.96 -39.18 0.77
N GLY B 134 -12.87 -39.24 1.53
CA GLY B 134 -11.54 -39.19 0.95
C GLY B 134 -10.97 -37.82 0.58
N GLY B 135 -11.15 -36.83 1.44
CA GLY B 135 -10.61 -35.51 1.15
C GLY B 135 -11.20 -34.89 -0.11
N PRO B 136 -10.52 -33.86 -0.66
CA PRO B 136 -10.94 -33.14 -1.87
C PRO B 136 -11.28 -34.01 -3.07
N SER B 137 -10.65 -35.17 -3.16
CA SER B 137 -10.91 -36.07 -4.28
C SER B 137 -12.37 -36.50 -4.34
N GLY B 138 -12.92 -36.87 -3.18
CA GLY B 138 -14.31 -37.30 -3.12
C GLY B 138 -15.23 -36.25 -3.70
N THR B 139 -15.02 -35.01 -3.28
CA THR B 139 -15.81 -33.88 -3.76
C THR B 139 -15.71 -33.76 -5.26
N VAL B 140 -14.55 -34.13 -5.80
CA VAL B 140 -14.35 -34.09 -7.24
C VAL B 140 -15.23 -35.20 -7.81
N SER B 141 -15.05 -36.42 -7.31
CA SER B 141 -15.85 -37.55 -7.77
C SER B 141 -17.32 -37.17 -7.74
N ALA B 142 -17.76 -36.67 -6.59
CA ALA B 142 -19.15 -36.28 -6.42
C ALA B 142 -19.55 -35.17 -7.40
N VAL B 143 -18.57 -34.44 -7.91
CA VAL B 143 -18.89 -33.37 -8.84
C VAL B 143 -18.82 -33.87 -10.28
N GLU B 144 -18.48 -35.14 -10.43
CA GLU B 144 -18.41 -35.75 -11.76
C GLU B 144 -19.76 -36.43 -12.01
N LYS B 145 -20.50 -36.62 -10.91
CA LYS B 145 -21.82 -37.24 -10.95
C LYS B 145 -22.88 -36.19 -11.21
N LEU B 146 -22.57 -34.96 -10.84
CA LEU B 146 -23.49 -33.83 -11.03
C LEU B 146 -23.49 -33.36 -12.48
N PRO B 148 -22.06 -35.59 -15.43
CA PRO B 148 -21.49 -36.79 -16.04
C PRO B 148 -20.55 -36.60 -17.22
N GLY B 149 -21.00 -35.88 -18.24
CA GLY B 149 -20.16 -35.67 -19.40
C GLY B 149 -18.80 -35.06 -19.15
N VAL B 150 -18.77 -33.94 -18.44
CA VAL B 150 -17.53 -33.22 -18.13
C VAL B 150 -16.65 -33.82 -17.04
N PRO B 151 -15.33 -33.89 -17.29
CA PRO B 151 -14.39 -34.45 -16.32
C PRO B 151 -13.73 -33.30 -15.54
N VAL B 152 -12.93 -33.63 -14.54
CA VAL B 152 -12.24 -32.61 -13.77
C VAL B 152 -10.75 -32.95 -13.77
N ASP B 153 -9.94 -32.10 -14.42
CA ASP B 153 -8.51 -32.35 -14.49
C ASP B 153 -7.81 -32.28 -13.14
N TYR B 154 -7.69 -31.07 -12.60
CA TYR B 154 -7.02 -30.88 -11.32
C TYR B 154 -7.97 -30.25 -10.30
N PHE B 155 -7.47 -30.09 -9.09
CA PHE B 155 -8.24 -29.51 -8.01
C PHE B 155 -7.33 -28.73 -7.09
N ILE B 156 -7.93 -27.81 -6.34
CA ILE B 156 -7.21 -27.02 -5.37
C ILE B 156 -8.20 -26.79 -4.24
N SER B 157 -7.89 -27.33 -3.07
CA SER B 157 -8.75 -27.13 -1.90
C SER B 157 -7.97 -26.31 -0.87
N ILE B 158 -8.63 -25.29 -0.35
CA ILE B 158 -8.01 -24.41 0.61
C ILE B 158 -8.99 -24.12 1.77
N ASN B 159 -8.49 -24.05 2.99
CA ASN B 159 -9.37 -23.73 4.12
C ASN B 159 -9.27 -22.22 4.29
N GLU B 161 -7.93 -20.26 6.61
CA GLU B 161 -6.63 -19.71 6.99
C GLU B 161 -5.72 -19.72 5.78
N GLY B 162 -5.58 -20.88 5.17
CA GLY B 162 -4.74 -20.99 3.98
C GLY B 162 -5.08 -19.92 2.96
N PHE B 163 -6.36 -19.58 2.88
CA PHE B 163 -6.84 -18.56 1.96
C PHE B 163 -6.13 -17.25 2.30
N LYS B 164 -6.33 -16.83 3.55
CA LYS B 164 -5.74 -15.62 4.05
C LYS B 164 -4.24 -15.60 3.76
N ASP B 165 -3.56 -16.70 4.08
CA ASP B 165 -2.12 -16.81 3.84
C ASP B 165 -1.74 -16.78 2.37
N LEU B 166 -2.56 -17.38 1.50
CA LEU B 166 -2.26 -17.37 0.07
C LEU B 166 -2.30 -15.93 -0.48
N VAL B 167 -3.14 -15.09 0.12
CA VAL B 167 -3.29 -13.70 -0.31
C VAL B 167 -2.16 -12.82 0.17
N ASP B 168 -1.78 -12.98 1.44
CA ASP B 168 -0.70 -12.18 2.03
C ASP B 168 0.64 -12.55 1.40
N ALA B 169 0.86 -13.86 1.27
CA ALA B 169 2.09 -14.41 0.70
C ALA B 169 2.31 -13.97 -0.76
N VAL B 170 1.23 -13.70 -1.47
CA VAL B 170 1.35 -13.29 -2.84
C VAL B 170 1.35 -11.73 -2.90
N GLY B 171 1.37 -11.12 -1.72
CA GLY B 171 1.45 -9.67 -1.62
C GLY B 171 0.18 -8.85 -1.51
N GLY B 172 -0.95 -9.53 -1.34
CA GLY B 172 -2.21 -8.83 -1.29
C GLY B 172 -2.83 -8.92 -2.67
N ILE B 173 -4.09 -8.54 -2.80
CA ILE B 173 -4.75 -8.61 -4.08
C ILE B 173 -5.41 -7.29 -4.44
N THR B 174 -5.55 -7.02 -5.74
CA THR B 174 -6.21 -5.80 -6.14
C THR B 174 -7.52 -6.20 -6.83
N VAL B 175 -8.64 -5.61 -6.38
CA VAL B 175 -9.92 -5.93 -6.99
C VAL B 175 -10.71 -4.67 -7.35
N TYR B 176 -11.74 -4.85 -8.18
CA TYR B 176 -12.57 -3.71 -8.51
C TYR B 176 -13.87 -3.87 -7.74
N ASN B 177 -14.17 -2.90 -6.89
CA ASN B 177 -15.38 -2.91 -6.09
C ASN B 177 -16.27 -1.77 -6.61
N ASP B 178 -17.53 -2.07 -6.90
CA ASP B 178 -18.43 -1.07 -7.44
C ASP B 178 -19.46 -0.59 -6.42
N ILE B 179 -19.55 -1.31 -5.32
CA ILE B 179 -20.48 -1.00 -4.22
C ILE B 179 -19.74 -0.45 -2.99
N ASP B 180 -19.86 0.84 -2.70
CA ASP B 180 -19.18 1.40 -1.54
C ASP B 180 -19.61 0.72 -0.24
N LEU B 181 -18.90 -0.33 0.12
CA LEU B 181 -19.19 -1.13 1.31
C LEU B 181 -18.36 -0.73 2.51
N THR B 182 -18.20 0.58 2.71
CA THR B 182 -17.40 1.09 3.82
C THR B 182 -17.85 0.67 5.21
N GLU B 183 -19.14 0.80 5.51
CA GLU B 183 -19.64 0.44 6.84
C GLU B 183 -19.00 -0.86 7.34
N VAL B 184 -18.67 -1.74 6.41
CA VAL B 184 -18.05 -3.01 6.74
C VAL B 184 -16.54 -2.87 6.98
N ASN B 185 -15.86 -2.13 6.10
CA ASN B 185 -14.43 -1.91 6.21
C ASN B 185 -14.06 -0.67 5.42
N SER B 186 -13.46 0.31 6.10
CA SER B 186 -13.09 1.58 5.50
C SER B 186 -12.35 1.51 4.18
N LYS B 187 -11.75 0.36 3.89
CA LYS B 187 -11.01 0.17 2.66
C LYS B 187 -11.95 -0.22 1.51
N PHE B 188 -13.14 -0.71 1.86
CA PHE B 188 -14.11 -1.14 0.87
C PHE B 188 -14.84 -0.01 0.18
N VAL B 189 -14.09 0.90 -0.40
CA VAL B 189 -14.67 2.04 -1.13
C VAL B 189 -14.95 1.58 -2.55
N LYS B 190 -15.39 2.49 -3.40
CA LYS B 190 -15.68 2.16 -4.79
C LYS B 190 -14.39 2.44 -5.56
N GLY B 191 -14.14 1.64 -6.59
CA GLY B 191 -12.93 1.79 -7.37
C GLY B 191 -11.96 0.65 -7.10
N ASN B 192 -10.74 0.77 -7.59
CA ASN B 192 -9.75 -0.28 -7.38
C ASN B 192 -9.24 -0.18 -5.97
N ILE B 193 -9.33 -1.29 -5.23
CA ILE B 193 -8.87 -1.36 -3.84
C ILE B 193 -7.90 -2.51 -3.65
N THR B 194 -7.06 -2.43 -2.62
CA THR B 194 -6.09 -3.49 -2.36
C THR B 194 -6.46 -4.19 -1.04
N LEU B 195 -6.48 -5.52 -1.05
CA LEU B 195 -6.84 -6.25 0.14
C LEU B 195 -5.80 -7.24 0.61
N ASN B 196 -5.66 -7.36 1.93
CA ASN B 196 -4.74 -8.33 2.50
C ASN B 196 -5.64 -9.49 2.89
N GLY B 197 -5.05 -10.57 3.37
CA GLY B 197 -5.82 -11.75 3.77
C GLY B 197 -7.14 -11.51 4.46
N THR B 198 -7.08 -10.94 5.66
CA THR B 198 -8.28 -10.64 6.43
C THR B 198 -9.24 -9.81 5.59
N ASP B 199 -8.70 -8.79 4.92
CA ASP B 199 -9.52 -7.92 4.09
C ASP B 199 -10.35 -8.70 3.09
N ALA B 200 -9.73 -9.71 2.46
CA ALA B 200 -10.41 -10.50 1.44
C ALA B 200 -11.46 -11.48 1.96
N LEU B 201 -11.19 -12.15 3.08
CA LEU B 201 -12.15 -13.10 3.63
C LEU B 201 -13.41 -12.33 4.00
N GLN B 202 -13.19 -11.11 4.47
CA GLN B 202 -14.26 -10.23 4.86
C GLN B 202 -14.98 -9.72 3.63
N TYR B 203 -14.22 -9.42 2.57
CA TYR B 203 -14.79 -8.92 1.31
C TYR B 203 -15.78 -9.90 0.71
N VAL B 204 -15.35 -11.16 0.60
CA VAL B 204 -16.22 -12.20 0.02
C VAL B 204 -17.34 -12.65 0.97
N ARG B 205 -17.20 -12.42 2.27
CA ARG B 205 -18.22 -12.85 3.23
C ARG B 205 -19.34 -11.84 3.47
N ILE B 206 -19.31 -10.74 2.72
CA ILE B 206 -20.32 -9.70 2.84
C ILE B 206 -21.61 -10.22 2.22
N ARG B 207 -22.74 -9.76 2.73
CA ARG B 207 -24.06 -10.16 2.25
C ARG B 207 -25.00 -8.96 2.29
N HIS B 208 -25.64 -8.75 3.45
CA HIS B 208 -26.57 -7.64 3.62
C HIS B 208 -26.16 -6.33 2.96
N GLU B 209 -24.95 -5.86 3.27
CA GLU B 209 -24.50 -4.58 2.75
C GLU B 209 -24.30 -4.46 1.23
N ASP B 210 -24.50 -5.55 0.49
CA ASP B 210 -24.38 -5.53 -0.97
C ASP B 210 -25.81 -5.57 -1.55
N PRO B 211 -26.22 -4.51 -2.27
CA PRO B 211 -27.56 -4.47 -2.84
C PRO B 211 -27.79 -5.32 -4.09
N ARG B 212 -26.91 -6.29 -4.32
CA ARG B 212 -27.04 -7.17 -5.48
C ARG B 212 -27.33 -8.59 -4.99
N GLY B 213 -27.60 -8.71 -3.70
CA GLY B 213 -27.90 -9.99 -3.11
C GLY B 213 -26.82 -11.04 -3.32
N ASP B 214 -27.24 -12.25 -3.65
CA ASP B 214 -26.32 -13.34 -3.89
C ASP B 214 -25.46 -13.15 -5.13
N PHE B 215 -26.03 -12.56 -6.18
CA PHE B 215 -25.25 -12.34 -7.39
C PHE B 215 -24.01 -11.54 -6.99
N GLY B 216 -24.26 -10.48 -6.22
CA GLY B 216 -23.19 -9.63 -5.75
C GLY B 216 -22.08 -10.41 -5.07
N ARG B 217 -22.44 -11.28 -4.13
CA ARG B 217 -21.43 -12.05 -3.42
C ARG B 217 -20.66 -13.00 -4.34
N GLN B 218 -21.35 -13.57 -5.31
CA GLN B 218 -20.72 -14.48 -6.26
C GLN B 218 -19.69 -13.69 -7.06
N ASP B 219 -20.04 -12.43 -7.33
CA ASP B 219 -19.20 -11.50 -8.08
C ASP B 219 -17.90 -11.18 -7.34
N ARG B 220 -18.01 -10.88 -6.05
CA ARG B 220 -16.84 -10.56 -5.21
C ARG B 220 -15.95 -11.78 -5.06
N GLN B 221 -16.57 -12.95 -4.96
CA GLN B 221 -15.85 -14.21 -4.84
C GLN B 221 -14.99 -14.37 -6.10
N ARG B 222 -15.56 -13.93 -7.23
CA ARG B 222 -14.91 -13.95 -8.54
C ARG B 222 -13.70 -13.02 -8.59
N ASP B 223 -13.91 -11.72 -8.32
CA ASP B 223 -12.84 -10.75 -8.31
C ASP B 223 -11.65 -11.29 -7.53
N VAL B 224 -11.95 -11.94 -6.41
CA VAL B 224 -10.89 -12.46 -5.56
C VAL B 224 -10.04 -13.57 -6.15
N ILE B 225 -10.64 -14.53 -6.84
CA ILE B 225 -9.83 -15.59 -7.43
C ILE B 225 -8.94 -14.97 -8.52
N ILE B 226 -9.53 -14.11 -9.35
CA ILE B 226 -8.81 -13.45 -10.42
C ILE B 226 -7.67 -12.62 -9.82
N GLY B 227 -7.96 -11.94 -8.72
CA GLY B 227 -6.94 -11.15 -8.08
C GLY B 227 -5.73 -12.02 -7.85
N ILE B 228 -5.93 -13.10 -7.08
CA ILE B 228 -4.86 -14.02 -6.77
C ILE B 228 -4.11 -14.49 -8.03
N ALA B 229 -4.87 -14.88 -9.06
CA ALA B 229 -4.26 -15.34 -10.32
C ALA B 229 -3.41 -14.22 -10.93
N ASN B 230 -3.91 -12.99 -10.87
CA ASN B 230 -3.16 -11.86 -11.40
C ASN B 230 -1.88 -11.61 -10.63
N LYS B 231 -1.85 -12.03 -9.36
CA LYS B 231 -0.64 -11.86 -8.56
C LYS B 231 0.25 -13.10 -8.72
N VAL B 232 -0.38 -14.24 -8.95
CA VAL B 232 0.37 -15.47 -9.14
C VAL B 232 1.25 -15.35 -10.39
N ILE B 233 0.73 -14.66 -11.40
CA ILE B 233 1.48 -14.45 -12.65
C ILE B 233 2.26 -13.12 -12.67
N SER B 234 2.66 -12.63 -11.51
CA SER B 234 3.44 -11.39 -11.41
C SER B 234 4.88 -11.70 -11.05
N SER B 235 5.48 -10.81 -10.26
CA SER B 235 6.87 -10.97 -9.82
C SER B 235 7.08 -12.40 -9.33
N SER B 236 7.56 -13.27 -10.22
CA SER B 236 7.79 -14.67 -9.86
C SER B 236 9.23 -15.03 -9.58
N GLY B 237 9.50 -15.27 -8.29
CA GLY B 237 10.83 -15.66 -7.85
C GLY B 237 10.68 -17.09 -7.34
N LYS B 246 5.23 -22.41 0.45
CA LYS B 246 5.82 -22.64 1.77
C LYS B 246 5.02 -21.92 2.82
N ALA B 247 4.52 -20.73 2.46
CA ALA B 247 3.74 -19.91 3.35
C ALA B 247 2.38 -20.55 3.60
N VAL B 248 1.70 -20.94 2.52
CA VAL B 248 0.40 -21.58 2.62
C VAL B 248 0.59 -22.91 3.33
N GLY B 249 1.39 -23.78 2.70
CA GLY B 249 1.69 -25.07 3.28
C GLY B 249 0.55 -26.06 3.38
N ASP B 250 0.48 -26.72 4.53
CA ASP B 250 -0.53 -27.75 4.81
C ASP B 250 -1.99 -27.33 4.66
N ASN B 251 -2.25 -26.04 4.55
CA ASN B 251 -3.62 -25.57 4.37
C ASN B 251 -3.92 -25.41 2.88
N PHE B 252 -3.23 -26.20 2.06
CA PHE B 252 -3.38 -26.14 0.61
C PHE B 252 -3.18 -27.52 0.00
N GLN B 253 -4.26 -28.16 -0.45
CA GLN B 253 -4.14 -29.50 -1.03
C GLN B 253 -4.43 -29.44 -2.53
N THR B 254 -3.52 -29.98 -3.35
CA THR B 254 -3.70 -30.00 -4.80
C THR B 254 -3.01 -31.17 -5.48
N ASN B 255 -3.55 -31.61 -6.62
CA ASN B 255 -2.97 -32.71 -7.36
C ASN B 255 -2.09 -32.12 -8.46
N THR B 257 1.40 -30.19 -9.58
CA THR B 257 2.76 -30.14 -9.08
C THR B 257 3.37 -28.77 -9.28
N LEU B 258 4.49 -28.54 -8.62
CA LEU B 258 5.20 -27.28 -8.73
C LEU B 258 5.30 -26.86 -10.19
N THR B 259 5.70 -27.79 -11.05
CA THR B 259 5.87 -27.50 -12.46
C THR B 259 4.56 -27.31 -13.23
N ASP B 260 3.49 -27.95 -12.77
CA ASP B 260 2.18 -27.81 -13.43
C ASP B 260 1.78 -26.35 -13.46
N ILE B 261 1.66 -25.77 -12.26
CA ILE B 261 1.28 -24.38 -12.05
C ILE B 261 2.14 -23.45 -12.89
N THR B 262 3.46 -23.65 -12.82
CA THR B 262 4.40 -22.85 -13.60
C THR B 262 4.01 -22.88 -15.07
N SER B 263 3.75 -24.08 -15.58
CA SER B 263 3.39 -24.28 -16.98
C SER B 263 2.10 -23.62 -17.44
N ALA B 265 0.48 -21.26 -15.86
CA ALA B 265 0.60 -19.84 -15.59
C ALA B 265 1.41 -19.24 -16.73
N THR B 266 2.45 -19.95 -17.15
CA THR B 266 3.34 -19.51 -18.23
C THR B 266 2.75 -19.70 -19.64
N ASN B 267 1.69 -20.51 -19.76
CA ASN B 267 1.09 -20.80 -21.06
C ASN B 267 -0.37 -20.41 -21.25
N TYR B 268 -1.10 -20.19 -20.17
CA TYR B 268 -2.50 -19.84 -20.28
C TYR B 268 -2.85 -18.49 -19.68
N SER B 269 -1.90 -17.94 -18.92
CA SER B 269 -2.09 -16.65 -18.25
C SER B 269 -2.98 -15.67 -19.00
N SER B 270 -2.82 -15.58 -20.32
CA SER B 270 -3.60 -14.66 -21.13
C SER B 270 -5.07 -14.90 -21.00
N VAL B 271 -5.41 -16.14 -20.67
CA VAL B 271 -6.79 -16.57 -20.51
C VAL B 271 -7.55 -15.81 -19.41
N LEU B 272 -6.83 -15.03 -18.61
CA LEU B 272 -7.41 -14.25 -17.51
C LEU B 272 -8.13 -12.97 -17.92
N LYS B 273 -7.87 -12.47 -19.12
CA LYS B 273 -8.51 -11.23 -19.55
C LYS B 273 -10.02 -11.35 -19.78
N ASN B 274 -10.52 -12.57 -19.88
CA ASN B 274 -11.96 -12.79 -20.06
C ASN B 274 -12.39 -14.10 -19.40
N VAL B 275 -12.84 -13.98 -18.17
CA VAL B 275 -13.30 -15.13 -17.40
C VAL B 275 -14.80 -14.95 -17.21
N ASP B 276 -15.52 -16.05 -17.03
CA ASP B 276 -16.96 -15.94 -16.86
C ASP B 276 -17.46 -16.70 -15.65
N SER B 277 -17.97 -15.96 -14.69
CA SER B 277 -18.50 -16.54 -13.48
C SER B 277 -20.01 -16.58 -13.64
N GLN B 278 -20.60 -17.76 -13.44
CA GLN B 278 -22.03 -17.95 -13.57
C GLN B 278 -22.45 -18.97 -12.50
N GLU B 279 -23.61 -18.80 -11.88
CA GLU B 279 -24.03 -19.77 -10.88
C GLU B 279 -25.16 -20.70 -11.32
N LEU B 280 -25.02 -21.96 -10.95
CA LEU B 280 -25.99 -23.02 -11.25
C LEU B 280 -27.35 -22.55 -10.74
N LYS B 281 -28.37 -22.70 -11.56
CA LYS B 281 -29.71 -22.28 -11.16
C LYS B 281 -30.53 -23.46 -10.65
N GLY B 282 -31.63 -23.15 -9.95
CA GLY B 282 -32.48 -24.20 -9.44
C GLY B 282 -33.26 -23.82 -8.19
N GLU B 283 -34.14 -24.72 -7.77
CA GLU B 283 -34.99 -24.51 -6.61
C GLU B 283 -34.43 -25.10 -5.31
N GLY B 284 -34.68 -24.39 -4.20
CA GLY B 284 -34.24 -24.88 -2.90
C GLY B 284 -35.36 -25.75 -2.33
N GLU B 285 -35.03 -26.93 -1.82
CA GLU B 285 -36.06 -27.80 -1.27
C GLU B 285 -35.80 -28.28 0.16
N ILE B 287 -36.52 -31.48 2.63
CA ILE B 287 -36.78 -32.90 2.42
C ILE B 287 -36.51 -33.64 3.72
N TYR B 288 -37.59 -34.05 4.40
CA TYR B 288 -37.47 -34.76 5.66
C TYR B 288 -36.32 -35.75 5.62
N SER B 289 -35.57 -35.84 6.72
CA SER B 289 -34.43 -36.74 6.81
C SER B 289 -34.60 -37.68 8.02
N GLU B 290 -34.69 -38.99 7.76
CA GLU B 290 -34.85 -39.98 8.82
C GLU B 290 -33.89 -39.73 9.98
N SER B 291 -32.59 -39.85 9.69
CA SER B 291 -31.55 -39.66 10.69
C SER B 291 -31.83 -38.52 11.65
N TYR B 292 -31.96 -37.30 11.12
CA TYR B 292 -32.24 -36.13 11.93
C TYR B 292 -33.65 -36.11 12.49
N GLY B 293 -34.62 -36.44 11.64
CA GLY B 293 -36.01 -36.42 12.07
C GLY B 293 -36.43 -34.97 11.98
N PHE B 294 -35.93 -34.31 10.93
CA PHE B 294 -36.19 -32.90 10.69
C PHE B 294 -36.07 -32.69 9.18
N ASP B 295 -36.64 -31.59 8.67
CA ASP B 295 -36.57 -31.25 7.24
C ASP B 295 -35.29 -30.46 6.94
N LEU B 296 -34.39 -31.06 6.15
CA LEU B 296 -33.13 -30.40 5.78
C LEU B 296 -33.21 -29.63 4.47
N TYR B 297 -32.37 -28.61 4.34
CA TYR B 297 -32.34 -27.78 3.14
C TYR B 297 -31.55 -28.40 2.01
N TYR B 298 -32.07 -28.24 0.79
CA TYR B 298 -31.42 -28.77 -0.39
C TYR B 298 -31.68 -27.83 -1.57
N PHE B 299 -30.72 -27.77 -2.49
CA PHE B 299 -30.86 -26.95 -3.68
C PHE B 299 -31.01 -27.92 -4.84
N ALA B 300 -32.10 -27.79 -5.57
CA ALA B 300 -32.38 -28.65 -6.70
C ALA B 300 -31.95 -27.95 -7.98
N PRO B 301 -30.93 -28.48 -8.66
CA PRO B 301 -30.50 -27.84 -9.89
C PRO B 301 -31.57 -27.92 -10.97
N ASP B 302 -31.94 -26.78 -11.55
CA ASP B 302 -32.92 -26.76 -12.65
C ASP B 302 -32.33 -27.67 -13.72
N GLU B 303 -32.98 -28.80 -13.99
CA GLU B 303 -32.51 -29.77 -14.95
C GLU B 303 -32.13 -29.22 -16.32
N THR B 304 -32.81 -28.17 -16.77
CA THR B 304 -32.51 -27.58 -18.07
C THR B 304 -31.22 -26.79 -18.04
N ASP B 305 -31.14 -25.78 -17.18
CA ASP B 305 -29.93 -24.95 -17.08
C ASP B 305 -28.71 -25.82 -16.79
N LEU B 306 -28.87 -26.84 -15.95
CA LEU B 306 -27.76 -27.73 -15.63
C LEU B 306 -27.28 -28.41 -16.91
N GLU B 307 -28.10 -28.31 -17.95
CA GLU B 307 -27.76 -28.91 -19.23
C GLU B 307 -27.00 -27.91 -20.06
N ARG B 308 -27.46 -26.67 -20.07
CA ARG B 308 -26.80 -25.62 -20.81
C ARG B 308 -25.39 -25.45 -20.27
N VAL B 309 -25.25 -25.74 -18.97
CA VAL B 309 -23.97 -25.63 -18.30
C VAL B 309 -23.04 -26.80 -18.59
N ILE B 310 -23.53 -28.04 -18.56
CA ILE B 310 -22.62 -29.14 -18.89
C ILE B 310 -22.20 -28.91 -20.35
N ASN B 311 -23.14 -28.40 -21.15
CA ASN B 311 -22.90 -28.12 -22.56
C ASN B 311 -21.81 -27.06 -22.78
N PHE B 313 -19.22 -26.23 -20.58
CA PHE B 313 -17.92 -26.82 -20.25
C PHE B 313 -17.47 -27.75 -21.37
N LYS B 314 -18.43 -28.16 -22.20
CA LYS B 314 -18.15 -29.06 -23.32
C LYS B 314 -17.50 -28.30 -24.48
N LYS B 315 -18.23 -27.34 -25.04
CA LYS B 315 -17.71 -26.57 -26.17
C LYS B 315 -16.37 -25.91 -25.82
N SER B 316 -16.09 -25.80 -24.51
CA SER B 316 -14.85 -25.19 -24.05
C SER B 316 -13.75 -26.20 -23.76
N LEU B 317 -14.07 -27.48 -23.93
CA LEU B 317 -13.09 -28.54 -23.72
C LEU B 317 -13.10 -29.37 -25.00
N ASP B 318 -14.00 -30.35 -25.07
CA ASP B 318 -14.14 -31.22 -26.25
C ASP B 318 -15.53 -31.87 -26.26
N LYS C 69 -6.40 7.07 38.52
CA LYS C 69 -5.87 8.02 37.49
C LYS C 69 -5.07 7.29 36.41
N LYS C 70 -3.77 7.54 36.36
CA LYS C 70 -2.91 6.90 35.37
C LYS C 70 -1.67 6.28 36.02
N LYS C 71 -1.87 5.16 36.70
CA LYS C 71 -0.77 4.46 37.37
C LYS C 71 -0.35 3.20 36.59
N PRO C 72 0.91 2.77 36.77
CA PRO C 72 1.52 1.60 36.11
C PRO C 72 0.75 0.29 36.23
N PHE C 73 0.61 -0.39 35.10
CA PHE C 73 -0.08 -1.66 35.03
C PHE C 73 0.81 -2.61 34.22
N SER C 74 0.82 -3.88 34.58
CA SER C 74 1.65 -4.83 33.84
C SER C 74 0.71 -5.63 32.95
N VAL C 75 1.28 -6.27 31.94
CA VAL C 75 0.52 -7.08 31.00
C VAL C 75 1.46 -8.11 30.42
N LEU C 76 1.00 -9.35 30.36
CA LEU C 76 1.81 -10.43 29.82
C LEU C 76 1.32 -10.82 28.42
N LEU C 77 2.21 -10.67 27.42
CA LEU C 77 1.89 -11.03 26.04
C LEU C 77 2.47 -12.43 25.81
N GLY C 79 2.37 -16.14 23.17
CA GLY C 79 1.99 -16.81 21.95
C GLY C 79 2.11 -18.32 22.09
N SER C 80 1.06 -19.03 21.73
CA SER C 80 1.06 -20.48 21.84
C SER C 80 0.67 -21.13 20.52
N ASP C 81 0.15 -22.35 20.61
CA ASP C 81 -0.28 -23.12 19.46
C ASP C 81 -1.55 -23.89 19.78
N ARG C 90 3.20 -25.16 25.68
CA ARG C 90 2.24 -24.44 24.86
C ARG C 90 2.49 -22.93 24.76
N ALA C 91 2.86 -22.28 25.86
CA ALA C 91 3.17 -20.85 25.80
C ALA C 91 4.61 -20.73 25.28
N ASP C 92 4.76 -20.64 23.97
CA ASP C 92 6.08 -20.57 23.35
C ASP C 92 6.82 -19.23 23.37
N THR C 93 6.09 -18.12 23.47
CA THR C 93 6.76 -16.83 23.56
C THR C 93 6.15 -16.16 24.78
N ILE C 94 7.01 -15.59 25.62
CA ILE C 94 6.53 -14.94 26.84
C ILE C 94 7.21 -13.61 27.06
N ILE C 95 6.41 -12.56 27.07
CA ILE C 95 6.91 -11.22 27.31
C ILE C 95 6.10 -10.51 28.40
N LEU C 96 6.78 -10.11 29.47
CA LEU C 96 6.12 -9.37 30.54
C LEU C 96 6.39 -7.92 30.20
N ALA C 97 5.32 -7.13 30.12
CA ALA C 97 5.47 -5.73 29.78
C ALA C 97 4.86 -4.84 30.82
N THR C 98 5.48 -3.67 30.96
CA THR C 98 5.05 -2.68 31.91
C THR C 98 4.83 -1.35 31.22
N ALA C 99 3.75 -0.68 31.61
CA ALA C 99 3.42 0.63 31.04
C ALA C 99 3.22 1.64 32.16
N ASN C 100 3.82 2.81 32.02
CA ASN C 100 3.71 3.85 33.03
C ASN C 100 3.78 5.22 32.40
N LYS C 101 2.68 5.97 32.47
CA LYS C 101 2.60 7.31 31.87
C LYS C 101 3.55 8.34 32.47
N GLN C 102 3.89 8.19 33.75
CA GLN C 102 4.81 9.11 34.40
C GLN C 102 6.19 8.98 33.76
N GLN C 103 6.80 7.82 33.96
CA GLN C 103 8.12 7.57 33.40
C GLN C 103 7.97 7.65 31.90
N ASN C 104 6.72 7.52 31.46
CA ASN C 104 6.37 7.56 30.04
C ASN C 104 7.26 6.59 29.27
N ALA C 105 7.17 5.32 29.62
CA ALA C 105 7.99 4.28 29.00
C ALA C 105 7.32 2.91 29.03
N VAL C 106 7.95 1.96 28.35
CA VAL C 106 7.48 0.60 28.32
C VAL C 106 8.67 -0.32 28.51
N GLU C 107 8.60 -1.15 29.55
CA GLU C 107 9.67 -2.11 29.83
C GLU C 107 9.14 -3.51 29.54
N VAL C 109 10.23 -7.69 29.16
CA VAL C 109 11.24 -8.73 29.38
C VAL C 109 10.64 -10.00 28.82
N SER C 110 11.40 -10.69 27.97
CA SER C 110 10.93 -11.93 27.38
C SER C 110 11.53 -13.08 28.18
N ILE C 111 10.66 -14.01 28.57
CA ILE C 111 11.08 -15.17 29.36
C ILE C 111 11.22 -16.41 28.48
N PRO C 112 12.45 -16.92 28.29
CA PRO C 112 12.65 -18.10 27.46
C PRO C 112 11.63 -19.19 27.82
N ARG C 113 11.06 -19.85 26.81
CA ARG C 113 10.06 -20.89 27.05
C ARG C 113 10.60 -22.07 27.83
N ASP C 114 11.91 -22.26 27.78
CA ASP C 114 12.53 -23.38 28.47
C ASP C 114 13.00 -23.03 29.87
N THR C 115 12.48 -21.93 30.40
CA THR C 115 12.84 -21.47 31.74
C THR C 115 12.39 -22.49 32.78
N LYS C 116 13.35 -23.08 33.49
CA LYS C 116 13.00 -24.05 34.51
C LYS C 116 12.14 -23.36 35.57
N VAL C 117 11.08 -24.04 36.00
CA VAL C 117 10.19 -23.49 37.02
C VAL C 117 9.59 -24.62 37.86
N ILE C 124 8.96 -31.64 36.38
CA ILE C 124 9.54 -30.49 37.07
C ILE C 124 10.42 -29.72 36.09
N GLY C 125 9.79 -28.96 35.19
CA GLY C 125 10.57 -28.25 34.20
C GLY C 125 10.25 -26.90 33.58
N LYS C 126 9.90 -26.93 32.30
CA LYS C 126 9.64 -25.72 31.52
C LYS C 126 8.38 -24.91 31.76
N ILE C 127 8.53 -23.59 31.63
CA ILE C 127 7.45 -22.63 31.81
C ILE C 127 6.48 -22.64 30.64
N ASN C 128 6.98 -22.89 29.44
CA ASN C 128 6.12 -22.92 28.26
C ASN C 128 5.00 -23.93 28.51
N ALA C 129 5.21 -24.79 29.51
CA ALA C 129 4.25 -25.80 29.86
C ALA C 129 3.13 -25.28 30.76
N SER C 130 3.36 -24.15 31.40
CA SER C 130 2.36 -23.56 32.28
C SER C 130 0.99 -23.44 31.62
N TYR C 131 0.99 -23.20 30.31
CA TYR C 131 -0.25 -23.04 29.57
C TYR C 131 -1.25 -24.19 29.79
N SER C 132 -0.77 -25.28 30.38
CA SER C 132 -1.60 -26.46 30.66
C SER C 132 -2.57 -26.22 31.82
N ASN C 133 -2.23 -25.27 32.69
CA ASN C 133 -3.07 -24.95 33.82
C ASN C 133 -4.20 -24.01 33.46
N GLY C 134 -5.07 -24.43 32.57
CA GLY C 134 -6.20 -23.60 32.19
C GLY C 134 -5.93 -22.44 31.25
N GLY C 135 -4.94 -22.60 30.37
CA GLY C 135 -4.64 -21.55 29.43
C GLY C 135 -3.86 -20.41 30.09
N PRO C 136 -3.94 -19.19 29.54
CA PRO C 136 -3.26 -17.98 30.04
C PRO C 136 -3.22 -17.90 31.55
N SER C 137 -4.25 -18.44 32.20
CA SER C 137 -4.31 -18.44 33.64
C SER C 137 -3.01 -19.02 34.22
N GLY C 138 -2.66 -20.22 33.78
CA GLY C 138 -1.46 -20.88 34.28
C GLY C 138 -0.16 -20.14 34.04
N THR C 139 0.05 -19.70 32.80
CA THR C 139 1.28 -19.01 32.46
C THR C 139 1.45 -17.73 33.27
N VAL C 140 0.36 -17.01 33.49
CA VAL C 140 0.43 -15.81 34.31
C VAL C 140 0.87 -16.21 35.71
N SER C 141 0.33 -17.33 36.22
CA SER C 141 0.70 -17.79 37.54
C SER C 141 2.16 -18.21 37.53
N ALA C 142 2.58 -18.82 36.43
CA ALA C 142 3.96 -19.26 36.30
C ALA C 142 4.90 -18.06 36.38
N VAL C 143 4.60 -17.03 35.59
CA VAL C 143 5.40 -15.81 35.56
C VAL C 143 5.23 -15.12 36.91
N GLU C 144 4.07 -15.36 37.50
CA GLU C 144 3.74 -14.80 38.80
C GLU C 144 4.76 -15.32 39.79
N LYS C 145 4.97 -16.63 39.77
CA LYS C 145 5.91 -17.28 40.67
C LYS C 145 7.38 -17.00 40.33
N LEU C 146 7.70 -17.01 39.05
CA LEU C 146 9.08 -16.75 38.62
C LEU C 146 9.60 -15.41 39.15
N PRO C 148 8.46 -13.21 42.02
CA PRO C 148 7.73 -12.96 43.26
C PRO C 148 7.14 -11.56 43.41
N GLY C 149 8.01 -10.56 43.49
CA GLY C 149 7.54 -9.19 43.66
C GLY C 149 6.49 -8.67 42.69
N VAL C 150 6.83 -8.65 41.40
CA VAL C 150 5.98 -8.14 40.33
C VAL C 150 4.60 -8.76 40.11
N PRO C 151 3.56 -7.93 40.08
CA PRO C 151 2.19 -8.39 39.86
C PRO C 151 1.81 -8.24 38.38
N VAL C 152 1.17 -9.25 37.80
CA VAL C 152 0.77 -9.19 36.40
C VAL C 152 -0.71 -8.89 36.29
N ASP C 153 -1.04 -7.66 35.92
CA ASP C 153 -2.43 -7.22 35.81
C ASP C 153 -3.25 -7.91 34.73
N TYR C 154 -3.08 -7.48 33.48
CA TYR C 154 -3.82 -8.04 32.34
C TYR C 154 -2.91 -8.92 31.50
N PHE C 155 -3.52 -9.67 30.59
CA PHE C 155 -2.76 -10.55 29.69
C PHE C 155 -3.40 -10.63 28.30
N ILE C 156 -2.58 -10.95 27.30
CA ILE C 156 -3.06 -11.14 25.93
C ILE C 156 -2.35 -12.35 25.36
N SER C 157 -3.13 -13.34 24.91
CA SER C 157 -2.60 -14.57 24.33
C SER C 157 -3.18 -14.78 22.94
N ILE C 158 -2.30 -15.05 21.97
CA ILE C 158 -2.72 -15.27 20.59
C ILE C 158 -1.87 -16.33 19.90
N ASN C 159 -2.49 -17.14 19.04
CA ASN C 159 -1.74 -18.16 18.31
C ASN C 159 -1.37 -17.56 16.95
N GLU C 161 -2.18 -18.04 13.78
CA GLU C 161 -3.25 -17.68 12.84
C GLU C 161 -4.08 -16.53 13.45
N GLY C 162 -3.72 -16.16 14.68
CA GLY C 162 -4.39 -15.07 15.37
C GLY C 162 -3.48 -13.85 15.30
N PHE C 163 -2.18 -14.13 15.25
CA PHE C 163 -1.17 -13.08 15.13
C PHE C 163 -1.39 -12.48 13.75
N LYS C 164 -1.33 -13.32 12.72
CA LYS C 164 -1.50 -12.89 11.34
C LYS C 164 -2.76 -12.06 11.09
N ASP C 165 -3.89 -12.43 11.68
CA ASP C 165 -5.10 -11.67 11.47
C ASP C 165 -5.08 -10.33 12.20
N LEU C 166 -4.38 -10.29 13.33
CA LEU C 166 -4.30 -9.05 14.10
C LEU C 166 -3.57 -7.99 13.28
N VAL C 167 -2.40 -8.35 12.76
CA VAL C 167 -1.63 -7.44 11.94
C VAL C 167 -2.43 -7.01 10.71
N ASP C 168 -3.14 -7.96 10.11
CA ASP C 168 -3.95 -7.69 8.93
C ASP C 168 -5.17 -6.81 9.21
N ALA C 169 -5.82 -7.04 10.35
CA ALA C 169 -7.01 -6.28 10.73
C ALA C 169 -6.64 -4.85 11.08
N VAL C 170 -5.44 -4.68 11.61
CA VAL C 170 -5.00 -3.36 11.99
C VAL C 170 -4.57 -2.65 10.70
N GLY C 171 -4.67 -3.38 9.59
CA GLY C 171 -4.32 -2.84 8.29
C GLY C 171 -2.85 -2.93 7.92
N GLY C 172 -2.15 -3.92 8.45
CA GLY C 172 -0.73 -4.06 8.17
C GLY C 172 0.08 -3.31 9.20
N ILE C 173 1.40 -3.49 9.16
CA ILE C 173 2.29 -2.83 10.12
C ILE C 173 3.47 -2.22 9.40
N THR C 174 4.12 -1.26 10.05
CA THR C 174 5.29 -0.60 9.50
C THR C 174 6.40 -0.70 10.57
N VAL C 175 7.54 -1.28 10.21
CA VAL C 175 8.67 -1.38 11.15
C VAL C 175 9.97 -0.90 10.49
N TYR C 176 10.91 -0.41 11.30
CA TYR C 176 12.17 0.02 10.72
C TYR C 176 13.11 -1.18 10.71
N ASN C 177 13.39 -1.67 9.52
CA ASN C 177 14.26 -2.80 9.36
C ASN C 177 15.63 -2.23 9.07
N ASP C 178 16.61 -2.54 9.91
CA ASP C 178 17.95 -2.00 9.70
C ASP C 178 18.95 -3.03 9.22
N ILE C 179 18.45 -4.09 8.58
CA ILE C 179 19.32 -5.14 8.07
C ILE C 179 18.65 -5.86 6.89
N ASP C 180 19.09 -5.52 5.67
CA ASP C 180 18.55 -6.11 4.46
C ASP C 180 18.35 -7.63 4.53
N LEU C 181 17.09 -8.05 4.58
CA LEU C 181 16.77 -9.46 4.63
C LEU C 181 16.11 -9.90 3.34
N THR C 182 16.38 -9.13 2.28
CA THR C 182 15.83 -9.43 0.96
C THR C 182 16.50 -10.69 0.43
N GLU C 183 16.26 -11.78 1.14
CA GLU C 183 16.79 -13.09 0.82
C GLU C 183 15.62 -14.01 1.13
N VAL C 184 14.91 -13.66 2.20
CA VAL C 184 13.73 -14.37 2.64
C VAL C 184 12.59 -13.82 1.77
N ASN C 185 12.12 -12.64 2.12
CA ASN C 185 11.05 -11.95 1.41
C ASN C 185 11.66 -10.71 0.78
N SER C 186 11.31 -10.44 -0.48
CA SER C 186 11.85 -9.29 -1.22
C SER C 186 11.38 -7.94 -0.68
N LYS C 187 10.56 -7.96 0.37
CA LYS C 187 10.05 -6.73 0.93
C LYS C 187 10.91 -6.32 2.12
N PHE C 188 11.72 -7.24 2.63
CA PHE C 188 12.57 -6.94 3.77
C PHE C 188 13.83 -6.12 3.46
N VAL C 189 13.67 -4.97 2.81
CA VAL C 189 14.84 -4.15 2.51
C VAL C 189 15.10 -3.30 3.75
N LYS C 190 16.20 -2.56 3.76
CA LYS C 190 16.51 -1.69 4.90
C LYS C 190 15.65 -0.45 4.79
N GLY C 191 15.23 0.06 5.94
CA GLY C 191 14.42 1.25 5.97
C GLY C 191 13.07 0.92 6.57
N ASN C 192 12.10 1.79 6.32
CA ASN C 192 10.76 1.54 6.80
C ASN C 192 10.14 0.61 5.78
N ILE C 193 9.52 -0.47 6.24
CA ILE C 193 8.85 -1.41 5.35
C ILE C 193 7.56 -1.80 6.05
N THR C 194 6.51 -1.99 5.27
CA THR C 194 5.22 -2.37 5.83
C THR C 194 5.04 -3.87 5.63
N LEU C 195 4.45 -4.52 6.62
CA LEU C 195 4.25 -5.96 6.60
C LEU C 195 2.81 -6.39 6.87
N ASN C 196 2.35 -7.42 6.17
CA ASN C 196 1.02 -7.94 6.43
C ASN C 196 1.22 -9.13 7.36
N GLY C 197 0.17 -9.92 7.57
CA GLY C 197 0.27 -11.06 8.46
C GLY C 197 1.41 -12.01 8.19
N THR C 198 1.42 -12.58 6.99
CA THR C 198 2.43 -13.53 6.61
C THR C 198 3.81 -12.92 6.69
N ASP C 199 4.01 -11.74 6.11
CA ASP C 199 5.32 -11.09 6.17
C ASP C 199 5.77 -11.01 7.61
N ALA C 200 4.98 -10.34 8.45
CA ALA C 200 5.32 -10.19 9.86
C ALA C 200 5.79 -11.49 10.49
N LEU C 201 4.97 -12.53 10.41
CA LEU C 201 5.31 -13.83 10.99
C LEU C 201 6.61 -14.39 10.42
N GLN C 202 6.80 -14.21 9.13
CA GLN C 202 8.02 -14.65 8.46
C GLN C 202 9.19 -13.79 8.95
N TYR C 203 8.95 -12.49 9.03
CA TYR C 203 9.92 -11.49 9.50
C TYR C 203 10.46 -11.88 10.86
N VAL C 204 9.56 -12.11 11.81
CA VAL C 204 9.91 -12.48 13.17
C VAL C 204 10.62 -13.81 13.24
N ARG C 205 10.21 -14.75 12.40
CA ARG C 205 10.79 -16.08 12.40
C ARG C 205 12.18 -16.26 11.79
N ILE C 206 12.77 -15.19 11.28
CA ILE C 206 14.10 -15.28 10.68
C ILE C 206 15.18 -15.55 11.72
N ARG C 207 16.21 -16.31 11.32
CA ARG C 207 17.33 -16.66 12.19
C ARG C 207 18.69 -16.50 11.50
N HIS C 208 19.05 -17.47 10.67
CA HIS C 208 20.32 -17.45 9.93
C HIS C 208 20.52 -16.13 9.17
N GLU C 209 19.57 -15.78 8.30
CA GLU C 209 19.65 -14.55 7.50
C GLU C 209 20.03 -13.27 8.24
N ASP C 210 19.79 -13.23 9.56
CA ASP C 210 20.11 -12.05 10.37
C ASP C 210 21.48 -12.24 11.05
N PRO C 211 22.51 -11.52 10.59
CA PRO C 211 23.86 -11.64 11.17
C PRO C 211 23.97 -11.14 12.59
N ARG C 212 22.83 -10.92 13.25
CA ARG C 212 22.83 -10.45 14.62
C ARG C 212 22.41 -11.58 15.56
N GLY C 213 22.06 -12.72 14.99
CA GLY C 213 21.67 -13.85 15.80
C GLY C 213 20.52 -13.62 16.76
N ASP C 214 20.55 -14.28 17.91
CA ASP C 214 19.48 -14.14 18.90
C ASP C 214 19.04 -12.69 19.13
N PHE C 215 20.00 -11.79 19.35
CA PHE C 215 19.69 -10.38 19.59
C PHE C 215 18.87 -9.82 18.44
N GLY C 216 19.18 -10.28 17.24
CA GLY C 216 18.46 -9.80 16.08
C GLY C 216 16.98 -10.07 16.25
N ARG C 217 16.66 -11.34 16.52
CA ARG C 217 15.28 -11.79 16.69
C ARG C 217 14.57 -11.11 17.82
N GLN C 218 15.24 -10.97 18.96
CA GLN C 218 14.62 -10.33 20.09
C GLN C 218 14.29 -8.88 19.74
N ASP C 219 15.03 -8.33 18.78
CA ASP C 219 14.83 -6.96 18.33
C ASP C 219 13.70 -6.88 17.30
N ARG C 220 13.60 -7.88 16.43
CA ARG C 220 12.56 -7.90 15.39
C ARG C 220 11.19 -8.17 16.01
N GLN C 221 11.14 -9.16 16.90
CA GLN C 221 9.93 -9.53 17.60
C GLN C 221 9.40 -8.31 18.33
N ARG C 222 10.32 -7.47 18.80
CA ARG C 222 9.97 -6.24 19.50
C ARG C 222 9.44 -5.21 18.51
N ASP C 223 10.16 -4.98 17.41
CA ASP C 223 9.71 -4.01 16.41
C ASP C 223 8.29 -4.32 15.97
N VAL C 224 7.96 -5.60 15.84
CA VAL C 224 6.63 -6.01 15.42
C VAL C 224 5.55 -5.67 16.43
N ILE C 225 5.82 -5.95 17.70
CA ILE C 225 4.89 -5.68 18.79
C ILE C 225 4.55 -4.19 18.84
N ILE C 226 5.56 -3.36 18.65
CA ILE C 226 5.38 -1.92 18.68
C ILE C 226 4.67 -1.45 17.41
N GLY C 227 4.91 -2.16 16.30
CA GLY C 227 4.28 -1.81 15.06
C GLY C 227 2.78 -2.00 15.21
N ILE C 228 2.38 -3.08 15.87
CA ILE C 228 0.98 -3.37 16.10
C ILE C 228 0.37 -2.31 17.01
N ALA C 229 1.08 -1.98 18.08
CA ALA C 229 0.60 -0.99 19.02
C ALA C 229 0.39 0.37 18.34
N ASN C 230 1.30 0.73 17.44
CA ASN C 230 1.19 2.00 16.74
C ASN C 230 -0.07 2.11 15.91
N LYS C 231 -0.46 1.03 15.24
CA LYS C 231 -1.69 1.03 14.44
C LYS C 231 -2.91 0.87 15.35
N VAL C 232 -2.67 0.49 16.60
CA VAL C 232 -3.74 0.35 17.57
C VAL C 232 -4.19 1.72 18.07
N ILE C 233 -3.36 2.73 17.86
CA ILE C 233 -3.70 4.08 18.32
C ILE C 233 -3.87 5.02 17.13
N SER C 234 -4.30 4.47 16.01
CA SER C 234 -4.53 5.24 14.79
C SER C 234 -6.02 5.49 14.66
N SER C 235 -6.49 5.66 13.43
CA SER C 235 -7.92 5.87 13.19
C SER C 235 -8.60 4.51 13.30
N SER C 236 -8.14 3.72 14.26
CA SER C 236 -8.66 2.38 14.52
C SER C 236 -8.58 2.12 16.02
N GLY C 237 -8.29 3.16 16.78
CA GLY C 237 -8.18 3.02 18.22
C GLY C 237 -9.53 2.70 18.85
N VAL C 238 -10.30 3.75 19.13
CA VAL C 238 -11.61 3.61 19.73
C VAL C 238 -12.67 3.65 18.62
N SER C 239 -12.22 3.51 17.38
CA SER C 239 -13.12 3.57 16.24
C SER C 239 -13.33 2.24 15.51
N ASN C 240 -12.25 1.49 15.32
CA ASN C 240 -12.34 0.22 14.59
C ASN C 240 -11.88 -0.99 15.38
N PHE C 241 -11.57 -0.81 16.66
CA PHE C 241 -11.12 -1.95 17.46
C PHE C 241 -12.25 -2.96 17.61
N GLU C 242 -13.45 -2.57 17.18
CA GLU C 242 -14.61 -3.45 17.24
C GLU C 242 -14.47 -4.54 16.18
N SER C 243 -14.03 -4.13 14.98
CA SER C 243 -13.83 -5.06 13.88
C SER C 243 -12.55 -5.85 14.13
N ILE C 244 -11.52 -5.14 14.57
CA ILE C 244 -10.26 -5.79 14.86
C ILE C 244 -10.55 -6.99 15.73
N LYS C 246 -13.32 -8.67 16.22
CA LYS C 246 -14.10 -9.72 15.54
C LYS C 246 -13.22 -10.43 14.51
N ALA C 247 -12.23 -9.71 13.97
CA ALA C 247 -11.32 -10.27 12.98
C ALA C 247 -10.56 -11.43 13.64
N VAL C 248 -9.84 -11.13 14.71
CA VAL C 248 -9.09 -12.13 15.48
C VAL C 248 -10.02 -12.54 16.63
N GLY C 249 -10.64 -13.71 16.52
CA GLY C 249 -11.57 -14.11 17.56
C GLY C 249 -11.10 -15.08 18.62
N ASP C 250 -11.46 -16.34 18.43
CA ASP C 250 -11.10 -17.38 19.37
C ASP C 250 -9.60 -17.68 19.34
N ASN C 251 -8.85 -16.92 18.54
CA ASN C 251 -7.42 -17.09 18.45
C ASN C 251 -6.73 -16.08 19.37
N PHE C 252 -7.52 -15.12 19.83
CA PHE C 252 -7.04 -14.06 20.71
C PHE C 252 -7.82 -14.14 22.02
N GLN C 253 -7.11 -14.28 23.13
CA GLN C 253 -7.72 -14.34 24.46
C GLN C 253 -7.21 -13.18 25.31
N THR C 254 -8.06 -12.63 26.17
CA THR C 254 -7.61 -11.51 27.00
C THR C 254 -8.51 -11.26 28.22
N ASN C 255 -7.94 -10.67 29.26
CA ASN C 255 -8.70 -10.36 30.47
C ASN C 255 -8.96 -8.86 30.45
N THR C 257 -11.17 -5.90 29.02
CA THR C 257 -12.46 -5.68 28.40
C THR C 257 -12.30 -4.76 27.20
N LEU C 258 -13.32 -4.74 26.36
CA LEU C 258 -13.36 -3.92 25.17
C LEU C 258 -13.17 -2.45 25.57
N THR C 259 -13.73 -2.09 26.73
CA THR C 259 -13.65 -0.72 27.21
C THR C 259 -12.31 -0.43 27.87
N ASP C 260 -11.54 -1.50 28.10
CA ASP C 260 -10.22 -1.42 28.72
C ASP C 260 -9.17 -0.88 27.74
N ILE C 261 -9.25 -1.35 26.49
CA ILE C 261 -8.32 -0.92 25.43
C ILE C 261 -8.65 0.52 25.08
N THR C 262 -9.93 0.74 24.82
CA THR C 262 -10.47 2.05 24.46
C THR C 262 -9.76 3.18 25.18
N SER C 263 -9.59 3.03 26.50
CA SER C 263 -8.92 4.04 27.31
C SER C 263 -7.44 3.75 27.50
N ALA C 265 -5.18 2.75 25.36
CA ALA C 265 -4.44 3.42 24.30
C ALA C 265 -4.49 4.95 24.35
N THR C 266 -5.66 5.52 24.61
CA THR C 266 -5.79 6.97 24.65
C THR C 266 -5.04 7.63 25.79
N ASN C 267 -5.02 6.97 26.95
CA ASN C 267 -4.37 7.52 28.13
C ASN C 267 -2.90 7.19 28.34
N TYR C 268 -2.34 6.33 27.52
CA TYR C 268 -0.93 5.96 27.63
C TYR C 268 -0.26 6.04 26.27
N SER C 269 -1.04 6.40 25.27
CA SER C 269 -0.60 6.53 23.89
C SER C 269 0.89 6.85 23.73
N SER C 270 1.38 7.76 24.57
CA SER C 270 2.78 8.19 24.50
C SER C 270 3.78 7.28 25.19
N VAL C 271 3.29 6.31 25.94
CA VAL C 271 4.17 5.39 26.64
C VAL C 271 5.07 4.69 25.59
N LEU C 272 4.59 4.65 24.36
CA LEU C 272 5.32 4.06 23.25
C LEU C 272 6.41 5.01 22.77
N LYS C 273 6.56 6.12 23.47
CA LYS C 273 7.57 7.11 23.12
C LYS C 273 8.97 6.52 23.36
N ASN C 274 9.14 5.78 24.45
CA ASN C 274 10.43 5.15 24.78
C ASN C 274 10.23 3.74 25.33
N VAL C 275 10.54 2.75 24.50
CA VAL C 275 10.34 1.35 24.87
C VAL C 275 11.64 0.56 25.05
N ASP C 276 11.77 -0.09 26.21
CA ASP C 276 12.95 -0.88 26.52
C ASP C 276 12.60 -2.38 26.42
N SER C 277 13.40 -3.12 25.65
CA SER C 277 13.15 -4.54 25.48
C SER C 277 14.41 -5.37 25.64
N GLN C 278 14.29 -6.44 26.43
CA GLN C 278 15.39 -7.38 26.68
C GLN C 278 14.83 -8.75 27.09
N GLU C 279 15.74 -9.71 27.28
CA GLU C 279 15.34 -11.06 27.66
C GLU C 279 16.25 -11.51 28.81
N LEU C 280 15.67 -11.70 29.99
CA LEU C 280 16.44 -12.09 31.17
C LEU C 280 17.57 -13.03 30.79
N LYS C 281 18.75 -12.73 31.31
CA LYS C 281 19.93 -13.51 31.04
C LYS C 281 19.86 -14.86 31.73
N GLY C 282 20.87 -15.69 31.48
CA GLY C 282 20.93 -17.01 32.06
C GLY C 282 21.64 -17.98 31.13
N GLU C 283 21.59 -19.25 31.47
CA GLU C 283 22.23 -20.27 30.65
C GLU C 283 21.46 -21.58 30.76
N GLY C 284 21.63 -22.45 29.77
CA GLY C 284 20.94 -23.72 29.77
C GLY C 284 21.65 -24.75 30.62
N GLU C 285 21.07 -25.94 30.67
CA GLU C 285 21.63 -27.03 31.43
C GLU C 285 20.75 -28.24 31.27
N ILE C 287 19.00 -31.64 32.08
CA ILE C 287 18.56 -32.19 33.34
C ILE C 287 17.84 -33.51 33.08
N TYR C 288 18.50 -34.61 33.41
CA TYR C 288 17.95 -35.95 33.22
C TYR C 288 16.52 -35.98 33.76
N SER C 289 15.58 -36.45 32.96
CA SER C 289 14.19 -36.53 33.38
C SER C 289 13.82 -37.97 33.73
N GLU C 290 13.05 -38.14 34.80
CA GLU C 290 12.64 -39.48 35.23
C GLU C 290 11.91 -40.26 34.13
N SER C 291 10.76 -39.75 33.69
CA SER C 291 9.98 -40.43 32.66
C SER C 291 10.84 -40.76 31.45
N TYR C 292 11.28 -39.74 30.71
CA TYR C 292 12.13 -40.01 29.55
C TYR C 292 13.41 -40.60 30.13
N GLY C 293 14.27 -41.15 29.26
CA GLY C 293 15.50 -41.72 29.75
C GLY C 293 16.66 -40.87 29.32
N PHE C 294 16.44 -39.56 29.27
CA PHE C 294 17.48 -38.63 28.85
C PHE C 294 17.34 -37.24 29.46
N ASP C 295 18.27 -36.35 29.09
CA ASP C 295 18.27 -34.98 29.58
C ASP C 295 17.32 -34.13 28.74
N LEU C 296 16.69 -33.15 29.39
CA LEU C 296 15.79 -32.21 28.74
C LEU C 296 16.42 -30.83 28.89
N TYR C 297 16.31 -30.00 27.84
CA TYR C 297 16.86 -28.66 27.89
C TYR C 297 16.12 -27.79 28.88
N TYR C 298 16.87 -27.03 29.67
CA TYR C 298 16.29 -26.16 30.67
C TYR C 298 17.01 -24.83 30.75
N PHE C 299 16.25 -23.77 30.96
CA PHE C 299 16.87 -22.46 31.06
C PHE C 299 17.09 -22.05 32.52
N ALA C 300 18.35 -21.79 32.84
CA ALA C 300 18.72 -21.37 34.19
C ALA C 300 18.92 -19.86 34.18
N PRO C 301 17.91 -19.11 34.63
CA PRO C 301 18.01 -17.65 34.66
C PRO C 301 19.00 -17.18 35.70
N ASP C 302 19.95 -16.33 35.28
CA ASP C 302 20.95 -15.79 36.20
C ASP C 302 20.23 -15.13 37.37
N GLU C 303 20.40 -15.69 38.57
CA GLU C 303 19.76 -15.20 39.78
C GLU C 303 19.98 -13.74 40.19
N THR C 304 21.13 -13.17 39.85
CA THR C 304 21.44 -11.80 40.22
C THR C 304 20.68 -10.80 39.34
N ASP C 305 20.45 -11.18 38.08
CA ASP C 305 19.75 -10.33 37.12
C ASP C 305 18.24 -10.47 37.26
N LEU C 306 17.77 -11.66 37.64
CA LEU C 306 16.34 -11.89 37.82
C LEU C 306 15.86 -10.90 38.85
N GLU C 307 16.67 -10.66 39.88
CA GLU C 307 16.31 -9.71 40.91
C GLU C 307 16.42 -8.30 40.34
N ARG C 308 17.42 -8.08 39.50
CA ARG C 308 17.62 -6.77 38.90
C ARG C 308 16.38 -6.42 38.13
N VAL C 309 15.88 -7.39 37.37
CA VAL C 309 14.67 -7.17 36.58
C VAL C 309 13.42 -7.16 37.45
N ILE C 310 13.48 -7.79 38.62
CA ILE C 310 12.33 -7.80 39.50
C ILE C 310 12.25 -6.45 40.19
N ASN C 311 13.41 -5.91 40.55
CA ASN C 311 13.43 -4.62 41.20
C ASN C 311 13.16 -3.55 40.15
N PHE C 313 11.10 -3.97 37.32
CA PHE C 313 9.67 -4.02 37.10
C PHE C 313 8.98 -3.46 38.32
N LYS C 314 9.64 -3.56 39.46
CA LYS C 314 9.10 -3.03 40.71
C LYS C 314 9.10 -1.52 40.63
N LYS C 315 10.20 -0.95 40.17
CA LYS C 315 10.30 0.51 40.06
C LYS C 315 9.35 1.02 38.98
N SER C 316 9.48 0.52 37.75
CA SER C 316 8.60 0.99 36.68
C SER C 316 7.15 0.88 37.14
N LEU C 317 6.94 0.07 38.17
CA LEU C 317 5.62 -0.09 38.75
C LEU C 317 5.65 0.66 40.08
N ASP C 318 5.16 0.03 41.15
CA ASP C 318 5.13 0.67 42.46
C ASP C 318 5.95 -0.07 43.51
N ILE C 319 6.94 0.63 44.08
CA ILE C 319 7.83 0.07 45.10
C ILE C 319 8.20 1.12 46.16
N LYS D 69 29.17 8.85 2.81
CA LYS D 69 28.70 7.45 2.91
C LYS D 69 28.83 6.89 4.33
N LYS D 70 29.57 7.60 5.19
CA LYS D 70 29.78 7.17 6.58
C LYS D 70 29.98 8.37 7.53
N LYS D 71 30.73 9.37 7.06
CA LYS D 71 31.02 10.58 7.83
C LYS D 71 29.75 11.41 8.05
N PRO D 72 29.43 11.73 9.31
CA PRO D 72 28.23 12.52 9.62
C PRO D 72 28.23 13.88 8.94
N PHE D 73 27.03 14.34 8.57
CA PHE D 73 26.88 15.63 7.90
C PHE D 73 25.89 16.57 8.60
N SER D 74 25.78 17.77 8.04
CA SER D 74 24.90 18.80 8.56
C SER D 74 24.01 19.33 7.45
N VAL D 75 22.73 19.46 7.77
CA VAL D 75 21.76 19.97 6.83
C VAL D 75 20.96 21.05 7.53
N LEU D 76 21.05 22.27 7.00
CA LEU D 76 20.27 23.35 7.57
C LEU D 76 18.92 23.33 6.90
N LEU D 77 17.86 23.60 7.66
CA LEU D 77 16.52 23.59 7.10
C LEU D 77 15.85 24.95 7.28
N GLY D 79 12.14 27.37 6.36
CA GLY D 79 10.78 27.48 5.87
C GLY D 79 10.65 28.97 5.58
N SER D 80 10.53 29.34 4.31
CA SER D 80 10.41 30.75 3.95
C SER D 80 9.03 31.14 3.45
N ASP D 81 9.01 32.01 2.45
CA ASP D 81 7.77 32.52 1.85
C ASP D 81 7.81 32.44 0.33
N GLY D 89 12.28 38.75 0.68
CA GLY D 89 12.43 37.33 0.95
C GLY D 89 13.10 37.10 2.29
N ARG D 90 12.53 36.21 3.12
CA ARG D 90 13.10 35.94 4.43
C ARG D 90 12.94 34.51 4.95
N ALA D 91 14.04 33.93 5.43
CA ALA D 91 14.01 32.59 6.02
C ALA D 91 13.43 32.76 7.42
N ASP D 92 12.14 32.47 7.58
CA ASP D 92 11.46 32.61 8.86
C ASP D 92 11.50 31.41 9.79
N THR D 93 12.05 30.30 9.31
CA THR D 93 12.18 29.10 10.13
C THR D 93 13.54 28.56 9.80
N ILE D 94 14.36 28.37 10.82
CA ILE D 94 15.71 27.88 10.62
C ILE D 94 16.03 26.78 11.61
N ILE D 95 16.38 25.61 11.09
CA ILE D 95 16.72 24.48 11.94
C ILE D 95 18.02 23.88 11.46
N LEU D 96 19.05 23.84 12.31
CA LEU D 96 20.32 23.21 11.92
C LEU D 96 20.26 21.80 12.50
N ALA D 97 20.27 20.82 11.62
CA ALA D 97 20.21 19.44 12.05
C ALA D 97 21.43 18.65 11.60
N THR D 98 22.02 17.89 12.52
CA THR D 98 23.17 17.04 12.21
C THR D 98 22.79 15.57 12.37
N ALA D 99 23.20 14.75 11.40
CA ALA D 99 22.93 13.32 11.43
C ALA D 99 24.26 12.61 11.50
N ASN D 100 24.36 11.65 12.41
CA ASN D 100 25.56 10.86 12.66
C ASN D 100 25.19 9.37 12.64
N LYS D 101 25.57 8.69 11.57
CA LYS D 101 25.27 7.27 11.37
C LYS D 101 25.83 6.35 12.46
N GLN D 102 26.92 6.76 13.08
CA GLN D 102 27.56 5.96 14.12
C GLN D 102 26.87 6.02 15.48
N GLN D 103 25.86 6.89 15.60
CA GLN D 103 25.15 7.01 16.86
C GLN D 103 23.67 6.84 16.61
N ASN D 104 23.29 6.86 15.33
CA ASN D 104 21.89 6.74 14.95
C ASN D 104 21.12 7.79 15.71
N ALA D 105 21.49 9.04 15.47
CA ALA D 105 20.86 10.14 16.17
C ALA D 105 20.90 11.40 15.34
N VAL D 106 19.81 12.16 15.42
CA VAL D 106 19.67 13.42 14.73
C VAL D 106 19.66 14.51 15.80
N GLU D 107 20.50 15.53 15.65
CA GLU D 107 20.52 16.65 16.59
C GLU D 107 20.03 17.90 15.85
N VAL D 109 18.69 21.94 16.13
CA VAL D 109 18.59 23.14 16.96
C VAL D 109 17.83 24.18 16.16
N SER D 110 16.79 24.73 16.78
CA SER D 110 15.99 25.74 16.13
C SER D 110 16.56 27.11 16.44
N ILE D 111 17.17 27.77 15.47
CA ILE D 111 17.68 29.09 15.80
C ILE D 111 16.58 30.08 15.45
N PRO D 112 16.04 30.79 16.47
CA PRO D 112 14.96 31.75 16.26
C PRO D 112 15.21 32.77 15.14
N ARG D 113 14.17 32.98 14.35
CA ARG D 113 14.17 33.90 13.23
C ARG D 113 14.68 35.29 13.61
N ASP D 114 14.34 35.73 14.82
CA ASP D 114 14.73 37.06 15.27
C ASP D 114 16.16 37.25 15.77
N THR D 115 16.90 36.16 15.85
CA THR D 115 18.28 36.13 16.31
C THR D 115 19.17 37.25 15.77
N LYS D 116 19.92 37.87 16.68
CA LYS D 116 20.81 38.97 16.35
C LYS D 116 22.11 38.47 15.73
N VAL D 117 22.32 38.82 14.47
CA VAL D 117 23.53 38.44 13.77
C VAL D 117 24.28 39.75 13.47
N ASP D 118 25.58 39.66 13.23
CA ASP D 118 26.40 40.84 12.97
C ASP D 118 26.72 41.09 11.50
N TYR D 119 26.92 42.38 11.18
CA TYR D 119 27.25 42.83 9.83
C TYR D 119 26.60 42.03 8.70
N ASP D 123 26.87 47.01 11.11
CA ASP D 123 25.42 46.99 11.17
C ASP D 123 24.97 45.71 11.89
N ILE D 124 23.89 45.81 12.67
CA ILE D 124 23.37 44.65 13.38
C ILE D 124 22.19 44.10 12.59
N GLY D 125 22.08 42.79 12.46
CA GLY D 125 20.98 42.25 11.69
C GLY D 125 20.16 41.14 12.31
N LYS D 126 19.05 40.81 11.67
CA LYS D 126 18.15 39.77 12.12
C LYS D 126 18.38 38.55 11.20
N ILE D 127 18.76 37.43 11.80
CA ILE D 127 19.07 36.20 11.05
C ILE D 127 18.15 35.87 9.89
N ASN D 128 16.86 36.17 10.03
CA ASN D 128 15.93 35.84 8.95
C ASN D 128 16.17 36.63 7.68
N ALA D 129 16.85 37.76 7.78
CA ALA D 129 17.10 38.61 6.61
C ALA D 129 18.22 38.13 5.70
N SER D 130 18.91 37.08 6.11
CA SER D 130 20.01 36.55 5.32
C SER D 130 19.53 35.82 4.07
N TYR D 131 18.26 35.40 4.08
CA TYR D 131 17.70 34.68 2.94
C TYR D 131 17.49 35.56 1.72
N SER D 132 17.29 36.85 1.95
CA SER D 132 17.06 37.81 0.87
C SER D 132 18.23 37.86 -0.11
N ASN D 133 19.43 38.13 0.41
CA ASN D 133 20.63 38.22 -0.43
C ASN D 133 21.19 36.86 -0.84
N GLY D 134 21.18 36.59 -2.14
CA GLY D 134 21.70 35.34 -2.66
C GLY D 134 20.74 34.16 -2.60
N GLY D 135 19.79 34.22 -1.66
CA GLY D 135 18.82 33.14 -1.52
C GLY D 135 19.21 32.24 -0.36
N PRO D 136 19.04 30.92 -0.47
CA PRO D 136 19.45 30.10 0.68
C PRO D 136 20.95 30.22 0.97
N SER D 137 21.75 30.51 -0.05
CA SER D 137 23.18 30.64 0.18
C SER D 137 23.41 31.59 1.34
N GLY D 138 22.64 32.67 1.38
CA GLY D 138 22.78 33.68 2.42
C GLY D 138 22.52 33.27 3.85
N THR D 139 21.45 32.52 4.11
CA THR D 139 21.16 32.10 5.48
C THR D 139 22.24 31.13 5.99
N VAL D 140 22.72 30.27 5.10
CA VAL D 140 23.77 29.32 5.45
C VAL D 140 25.02 30.08 5.89
N SER D 141 25.21 31.25 5.32
CA SER D 141 26.38 32.07 5.66
C SER D 141 26.16 32.76 7.00
N ALA D 142 24.90 33.05 7.30
CA ALA D 142 24.55 33.71 8.56
C ALA D 142 24.54 32.69 9.69
N VAL D 143 24.20 31.45 9.36
CA VAL D 143 24.18 30.39 10.36
C VAL D 143 25.61 29.92 10.60
N GLU D 144 26.47 30.08 9.58
CA GLU D 144 27.87 29.66 9.70
C GLU D 144 28.72 30.67 10.46
N LYS D 145 28.37 31.95 10.35
CA LYS D 145 29.08 33.01 11.05
C LYS D 145 28.62 33.00 12.50
N LEU D 146 27.34 32.68 12.68
CA LEU D 146 26.72 32.62 13.99
C LEU D 146 27.31 31.50 14.84
N PRO D 148 30.69 29.64 14.63
CA PRO D 148 32.07 29.54 14.17
C PRO D 148 32.64 28.20 13.69
N GLY D 149 32.74 27.21 14.57
CA GLY D 149 33.32 25.95 14.12
C GLY D 149 32.42 24.89 13.51
N VAL D 150 31.14 25.19 13.30
CA VAL D 150 30.21 24.21 12.74
C VAL D 150 29.93 24.47 11.27
N PRO D 151 30.27 23.48 10.40
CA PRO D 151 30.08 23.52 8.95
C PRO D 151 28.70 23.05 8.56
N VAL D 152 28.17 23.61 7.47
CA VAL D 152 26.83 23.26 6.97
C VAL D 152 26.95 22.71 5.55
N ASP D 153 27.02 21.40 5.45
CA ASP D 153 27.16 20.71 4.17
C ASP D 153 26.00 20.86 3.19
N TYR D 154 24.77 20.66 3.67
CA TYR D 154 23.61 20.76 2.80
C TYR D 154 22.58 21.75 3.35
N PHE D 155 21.60 22.12 2.51
CA PHE D 155 20.56 23.04 2.94
C PHE D 155 19.25 22.67 2.24
N ILE D 156 18.12 22.95 2.87
CA ILE D 156 16.80 22.66 2.31
C ILE D 156 15.82 23.79 2.63
N SER D 157 15.34 24.51 1.61
CA SER D 157 14.37 25.59 1.82
C SER D 157 13.07 25.28 1.08
N ILE D 158 11.96 25.77 1.61
CA ILE D 158 10.66 25.58 0.98
C ILE D 158 9.72 26.64 1.47
N ASN D 159 8.79 27.06 0.63
CA ASN D 159 7.80 28.03 1.04
C ASN D 159 6.71 27.16 1.66
N GLU D 161 3.86 26.55 0.39
CA GLU D 161 3.17 25.85 -0.68
C GLU D 161 3.98 24.58 -0.88
N GLY D 162 5.25 24.78 -1.21
CA GLY D 162 6.16 23.68 -1.43
C GLY D 162 6.14 22.71 -0.27
N PHE D 163 5.75 23.20 0.90
CA PHE D 163 5.66 22.33 2.05
C PHE D 163 4.53 21.35 1.73
N LYS D 164 3.31 21.87 1.60
CA LYS D 164 2.14 21.03 1.28
C LYS D 164 2.44 20.15 0.07
N ASP D 165 3.14 20.70 -0.92
CA ASP D 165 3.47 19.93 -2.11
C ASP D 165 4.30 18.72 -1.73
N LEU D 166 5.28 18.91 -0.85
CA LEU D 166 6.15 17.81 -0.43
C LEU D 166 5.37 16.72 0.30
N VAL D 167 4.58 17.15 1.28
CA VAL D 167 3.77 16.23 2.07
C VAL D 167 2.95 15.34 1.16
N ASP D 168 1.97 15.93 0.48
CA ASP D 168 1.12 15.18 -0.42
C ASP D 168 1.95 14.40 -1.43
N ALA D 169 3.01 15.01 -1.95
CA ALA D 169 3.90 14.37 -2.93
C ALA D 169 4.41 13.02 -2.45
N VAL D 170 4.30 12.77 -1.14
CA VAL D 170 4.75 11.51 -0.57
C VAL D 170 3.60 10.72 0.08
N GLY D 171 2.41 10.85 -0.50
CA GLY D 171 1.27 10.14 0.01
C GLY D 171 0.84 10.48 1.42
N GLY D 172 1.17 11.70 1.87
CA GLY D 172 0.75 12.09 3.19
C GLY D 172 1.75 11.84 4.29
N ILE D 173 1.32 12.07 5.53
CA ILE D 173 2.20 11.90 6.69
C ILE D 173 1.45 11.37 7.91
N THR D 174 2.19 10.66 8.76
CA THR D 174 1.65 10.13 10.01
C THR D 174 2.47 10.71 11.14
N VAL D 175 1.81 11.32 12.13
CA VAL D 175 2.54 11.90 13.25
C VAL D 175 1.80 11.60 14.55
N TYR D 176 2.54 11.57 15.66
CA TYR D 176 1.91 11.33 16.94
C TYR D 176 1.50 12.64 17.63
N ASN D 177 0.20 12.89 17.73
CA ASN D 177 -0.31 14.08 18.40
C ASN D 177 -0.58 13.70 19.84
N ASP D 178 0.16 14.30 20.76
CA ASP D 178 0.01 14.00 22.19
C ASP D 178 -1.09 14.78 22.89
N ILE D 179 -1.87 15.56 22.15
CA ILE D 179 -2.94 16.33 22.79
C ILE D 179 -4.11 16.71 21.89
N ASP D 180 -5.31 16.46 22.40
CA ASP D 180 -6.53 16.76 21.66
C ASP D 180 -6.61 18.20 21.21
N LEU D 181 -6.57 18.40 19.89
CA LEU D 181 -6.66 19.72 19.30
C LEU D 181 -7.76 19.73 18.25
N THR D 182 -8.86 19.05 18.55
CA THR D 182 -9.99 18.99 17.64
C THR D 182 -10.61 20.37 17.48
N GLU D 183 -10.37 21.24 18.46
CA GLU D 183 -10.91 22.59 18.42
C GLU D 183 -10.52 23.25 17.11
N VAL D 184 -9.37 22.83 16.58
CA VAL D 184 -8.89 23.36 15.32
C VAL D 184 -9.38 22.53 14.15
N ASN D 185 -9.00 21.26 14.12
CA ASN D 185 -9.43 20.36 13.04
C ASN D 185 -9.81 19.00 13.63
N SER D 186 -10.92 18.45 13.15
CA SER D 186 -11.43 17.16 13.62
C SER D 186 -10.35 16.09 13.60
N LYS D 187 -9.53 16.11 12.56
CA LYS D 187 -8.48 15.12 12.40
C LYS D 187 -7.44 15.16 13.53
N PHE D 188 -7.22 16.35 14.09
CA PHE D 188 -6.22 16.51 15.15
C PHE D 188 -6.55 15.85 16.48
N VAL D 189 -7.02 14.61 16.42
CA VAL D 189 -7.32 13.88 17.63
C VAL D 189 -5.98 13.37 18.19
N LYS D 190 -6.03 12.81 19.40
CA LYS D 190 -4.84 12.27 20.05
C LYS D 190 -4.49 10.90 19.46
N GLY D 191 -3.21 10.53 19.58
CA GLY D 191 -2.74 9.27 19.04
C GLY D 191 -2.01 9.55 17.74
N ASN D 192 -1.80 8.53 16.92
CA ASN D 192 -1.12 8.73 15.66
C ASN D 192 -2.13 9.20 14.64
N ILE D 193 -1.86 10.34 14.02
CA ILE D 193 -2.78 10.89 13.02
C ILE D 193 -2.14 10.97 11.64
N THR D 194 -2.97 10.96 10.60
CA THR D 194 -2.48 11.02 9.24
C THR D 194 -2.93 12.33 8.61
N LEU D 195 -1.97 13.11 8.12
CA LEU D 195 -2.27 14.41 7.56
C LEU D 195 -1.75 14.61 6.14
N ASN D 196 -2.48 15.42 5.37
CA ASN D 196 -2.07 15.74 4.01
C ASN D 196 -1.36 17.07 4.15
N GLY D 197 -0.79 17.56 3.05
CA GLY D 197 -0.07 18.82 3.07
C GLY D 197 -0.85 19.97 3.68
N THR D 198 -2.08 20.15 3.23
CA THR D 198 -2.90 21.22 3.76
C THR D 198 -3.05 21.07 5.28
N ASP D 199 -3.37 19.87 5.73
CA ASP D 199 -3.55 19.59 7.15
C ASP D 199 -2.23 19.55 7.94
N ALA D 200 -1.10 19.52 7.25
CA ALA D 200 0.18 19.50 7.94
C ALA D 200 0.57 20.93 8.25
N LEU D 201 0.43 21.80 7.24
CA LEU D 201 0.75 23.21 7.41
C LEU D 201 0.00 23.76 8.60
N GLN D 202 -1.32 23.58 8.60
CA GLN D 202 -2.15 24.07 9.69
C GLN D 202 -1.76 23.46 11.05
N TYR D 203 -1.65 22.13 11.13
CA TYR D 203 -1.26 21.47 12.38
C TYR D 203 -0.05 22.15 13.02
N VAL D 204 0.97 22.45 12.22
CA VAL D 204 2.19 23.09 12.74
C VAL D 204 2.06 24.60 12.95
N ARG D 205 0.93 25.16 12.53
CA ARG D 205 0.73 26.60 12.70
C ARG D 205 -0.09 26.88 13.94
N ILE D 206 -0.68 25.84 14.51
CA ILE D 206 -1.48 26.01 15.72
C ILE D 206 -0.63 26.70 16.77
N ARG D 207 -1.22 27.67 17.46
CA ARG D 207 -0.51 28.40 18.51
C ARG D 207 -1.28 28.50 19.82
N HIS D 208 -2.39 29.20 19.82
CA HIS D 208 -3.17 29.37 21.04
C HIS D 208 -3.70 28.06 21.63
N GLU D 209 -4.41 27.29 20.81
CA GLU D 209 -5.03 26.02 21.24
C GLU D 209 -4.14 24.92 21.82
N ASP D 210 -2.82 25.06 21.67
CA ASP D 210 -1.86 24.09 22.21
C ASP D 210 -1.38 24.64 23.56
N PRO D 211 -1.92 24.07 24.66
CA PRO D 211 -1.56 24.51 26.02
C PRO D 211 -0.09 24.38 26.36
N ARG D 212 0.67 23.71 25.51
CA ARG D 212 2.10 23.54 25.78
C ARG D 212 2.91 24.72 25.21
N GLY D 213 2.21 25.76 24.78
CA GLY D 213 2.86 26.94 24.25
C GLY D 213 3.86 26.70 23.14
N ASP D 214 4.96 27.47 23.14
CA ASP D 214 5.97 27.32 22.10
C ASP D 214 6.69 25.99 22.12
N PHE D 215 6.88 25.40 23.30
CA PHE D 215 7.55 24.11 23.34
C PHE D 215 6.75 23.20 22.42
N GLY D 216 5.45 23.43 22.40
CA GLY D 216 4.56 22.65 21.56
C GLY D 216 4.86 22.90 20.09
N ARG D 217 4.80 24.15 19.64
CA ARG D 217 5.04 24.46 18.23
C ARG D 217 6.40 23.91 17.78
N GLN D 218 7.35 23.85 18.70
CA GLN D 218 8.69 23.34 18.41
C GLN D 218 8.59 21.82 18.25
N ASP D 219 7.75 21.23 19.09
CA ASP D 219 7.50 19.79 19.11
C ASP D 219 6.72 19.38 17.88
N ARG D 220 5.82 20.24 17.40
CA ARG D 220 5.01 19.91 16.23
C ARG D 220 5.75 20.16 14.92
N GLN D 221 6.75 21.03 14.91
CA GLN D 221 7.47 21.23 13.66
C GLN D 221 8.53 20.12 13.53
N ARG D 222 8.78 19.42 14.63
CA ARG D 222 9.73 18.32 14.65
C ARG D 222 8.98 17.11 14.12
N ASP D 223 7.86 16.79 14.76
CA ASP D 223 7.03 15.66 14.37
C ASP D 223 6.81 15.61 12.86
N VAL D 224 6.71 16.79 12.26
CA VAL D 224 6.49 16.91 10.82
C VAL D 224 7.77 16.67 10.04
N ILE D 225 8.91 17.07 10.59
CA ILE D 225 10.17 16.83 9.90
C ILE D 225 10.38 15.30 9.96
N ILE D 226 10.15 14.74 11.14
CA ILE D 226 10.29 13.31 11.36
C ILE D 226 9.31 12.56 10.45
N GLY D 227 8.10 13.10 10.34
CA GLY D 227 7.07 12.47 9.53
C GLY D 227 7.39 12.36 8.05
N ILE D 228 7.76 13.49 7.45
CA ILE D 228 8.08 13.49 6.03
C ILE D 228 9.24 12.53 5.79
N ALA D 229 10.29 12.67 6.57
CA ALA D 229 11.47 11.83 6.40
C ALA D 229 11.14 10.34 6.55
N ASN D 230 10.20 10.00 7.42
CA ASN D 230 9.85 8.60 7.58
C ASN D 230 9.42 7.98 6.27
N LYS D 231 8.90 8.80 5.37
CA LYS D 231 8.47 8.31 4.07
C LYS D 231 9.66 8.27 3.13
N VAL D 232 10.49 9.30 3.21
CA VAL D 232 11.69 9.40 2.40
C VAL D 232 12.48 8.10 2.55
N ILE D 233 12.22 7.38 3.64
CA ILE D 233 12.90 6.12 3.92
C ILE D 233 11.94 4.93 3.83
N SER D 234 11.32 4.75 2.67
CA SER D 234 10.39 3.64 2.46
C SER D 234 10.14 3.39 0.98
N ASN D 240 7.98 7.78 -5.56
CA ASN D 240 9.41 7.77 -5.78
C ASN D 240 10.01 9.16 -5.85
N PHE D 241 11.28 9.29 -5.56
CA PHE D 241 11.84 10.61 -5.27
C PHE D 241 12.13 11.52 -6.43
N GLU D 242 12.41 10.98 -7.58
CA GLU D 242 12.66 11.82 -8.72
C GLU D 242 11.36 12.54 -8.99
N SER D 243 10.30 11.80 -8.76
CA SER D 243 8.92 12.25 -8.87
C SER D 243 8.59 13.30 -7.82
N ILE D 244 8.78 12.98 -6.54
CA ILE D 244 8.51 13.94 -5.47
C ILE D 244 9.06 15.32 -5.86
N LYS D 246 9.79 16.80 -8.64
CA LYS D 246 9.02 17.50 -9.66
C LYS D 246 7.73 18.09 -9.11
N ALA D 247 7.01 17.31 -8.32
CA ALA D 247 5.76 17.77 -7.74
C ALA D 247 5.95 19.15 -7.11
N VAL D 248 6.96 19.27 -6.26
CA VAL D 248 7.27 20.52 -5.56
C VAL D 248 8.01 21.50 -6.47
N GLY D 249 9.08 21.03 -7.10
CA GLY D 249 9.85 21.84 -8.01
C GLY D 249 10.51 23.11 -7.53
N ASP D 250 10.01 24.24 -8.02
CA ASP D 250 10.54 25.56 -7.67
C ASP D 250 10.28 26.00 -6.25
N ASN D 251 9.16 25.57 -5.69
CA ASN D 251 8.79 25.94 -4.34
C ASN D 251 9.69 25.30 -3.28
N PHE D 252 10.75 24.63 -3.70
CA PHE D 252 11.68 23.92 -2.82
C PHE D 252 13.08 23.94 -3.44
N GLN D 253 14.09 24.22 -2.62
CA GLN D 253 15.46 24.28 -3.10
C GLN D 253 16.41 23.45 -2.24
N THR D 254 17.63 23.28 -2.75
CA THR D 254 18.65 22.50 -2.07
C THR D 254 19.87 22.33 -2.96
N ASN D 255 20.96 21.88 -2.36
CA ASN D 255 22.19 21.62 -3.07
C ASN D 255 22.46 20.12 -2.96
N THR D 257 22.01 16.71 -4.60
CA THR D 257 21.70 16.03 -5.84
C THR D 257 20.85 14.79 -5.54
N LEU D 258 20.06 14.35 -6.51
CA LEU D 258 19.18 13.19 -6.33
C LEU D 258 19.97 11.96 -5.86
N THR D 259 21.28 11.99 -6.08
CA THR D 259 22.14 10.89 -5.66
C THR D 259 22.38 11.00 -4.16
N ASP D 260 22.78 12.18 -3.71
CA ASP D 260 23.03 12.42 -2.29
C ASP D 260 21.78 12.08 -1.50
N ILE D 261 20.61 12.30 -2.08
CA ILE D 261 19.36 12.02 -1.40
C ILE D 261 19.00 10.54 -1.39
N THR D 262 19.32 9.83 -2.45
CA THR D 262 19.02 8.40 -2.50
C THR D 262 20.07 7.66 -1.66
N SER D 263 21.31 8.11 -1.79
CA SER D 263 22.47 7.57 -1.08
C SER D 263 22.45 7.91 0.40
N ALA D 265 19.13 8.40 2.25
CA ALA D 265 18.00 7.70 2.84
C ALA D 265 18.31 6.23 3.02
N THR D 266 19.36 5.76 2.35
CA THR D 266 19.74 4.36 2.43
C THR D 266 20.83 4.07 3.45
N ASN D 267 21.81 4.98 3.54
CA ASN D 267 22.92 4.79 4.47
C ASN D 267 22.70 5.32 5.88
N TYR D 268 21.98 6.43 6.02
CA TYR D 268 21.74 6.99 7.35
C TYR D 268 20.32 6.73 7.83
N SER D 269 19.59 5.93 7.09
CA SER D 269 18.22 5.57 7.45
C SER D 269 17.99 5.34 8.96
N SER D 270 19.02 4.97 9.68
CA SER D 270 18.88 4.69 11.11
C SER D 270 19.08 5.90 12.01
N VAL D 271 19.26 7.05 11.40
CA VAL D 271 19.45 8.29 12.15
C VAL D 271 18.15 8.68 12.82
N LEU D 272 17.03 8.25 12.23
CA LEU D 272 15.72 8.58 12.76
C LEU D 272 15.33 7.83 14.02
N LYS D 273 16.16 6.88 14.45
CA LYS D 273 15.86 6.14 15.66
C LYS D 273 15.83 7.11 16.85
N ASN D 274 16.82 7.99 16.91
CA ASN D 274 16.92 8.99 17.99
C ASN D 274 17.03 10.40 17.41
N VAL D 275 15.97 11.19 17.54
CA VAL D 275 16.02 12.55 17.04
C VAL D 275 15.73 13.53 18.19
N ASP D 276 16.75 14.33 18.51
CA ASP D 276 16.69 15.31 19.58
C ASP D 276 16.48 16.73 19.04
N SER D 277 15.55 17.47 19.64
CA SER D 277 15.28 18.84 19.20
C SER D 277 15.20 19.86 20.34
N GLN D 278 15.84 21.00 20.14
CA GLN D 278 15.83 22.05 21.13
C GLN D 278 16.01 23.39 20.43
N GLU D 279 15.51 24.45 21.07
CA GLU D 279 15.62 25.79 20.53
C GLU D 279 16.74 26.51 21.25
N LEU D 280 17.43 27.38 20.54
CA LEU D 280 18.52 28.14 21.14
C LEU D 280 18.04 28.86 22.39
N LYS D 281 18.93 29.01 23.36
CA LYS D 281 18.61 29.70 24.60
C LYS D 281 19.03 31.16 24.49
N GLY D 282 18.12 32.07 24.84
CA GLY D 282 18.42 33.50 24.77
C GLY D 282 17.35 34.42 25.31
N GLU D 283 17.47 35.71 25.01
CA GLU D 283 16.49 36.68 25.48
C GLU D 283 16.17 37.76 24.45
N GLY D 284 15.06 38.43 24.69
CA GLY D 284 14.64 39.48 23.79
C GLY D 284 15.34 40.79 24.11
N GLU D 285 15.56 41.57 23.06
CA GLU D 285 16.18 42.88 23.18
C GLU D 285 15.56 43.82 22.14
N ILE D 287 16.77 46.80 20.18
CA ILE D 287 17.85 47.68 19.77
C ILE D 287 17.27 48.78 18.89
N TYR D 288 17.67 50.01 19.13
CA TYR D 288 17.20 51.15 18.34
C TYR D 288 17.74 51.02 16.92
N SER D 289 16.91 51.34 15.93
CA SER D 289 17.32 51.26 14.54
C SER D 289 17.25 52.62 13.86
N GLU D 290 18.36 53.00 13.26
CA GLU D 290 18.45 54.29 12.58
C GLU D 290 17.46 54.36 11.42
N SER D 291 17.52 53.34 10.56
CA SER D 291 16.65 53.27 9.40
C SER D 291 15.19 53.56 9.71
N TYR D 292 14.57 52.77 10.56
CA TYR D 292 13.17 53.00 10.90
C TYR D 292 12.97 54.20 11.80
N GLY D 293 13.90 54.39 12.73
CA GLY D 293 13.78 55.52 13.64
C GLY D 293 13.30 55.09 15.01
N PHE D 294 12.93 53.82 15.15
CA PHE D 294 12.46 53.30 16.42
C PHE D 294 13.12 51.95 16.68
N ASP D 295 12.86 51.41 17.86
CA ASP D 295 13.41 50.13 18.30
C ASP D 295 12.83 48.88 17.64
N LEU D 296 13.71 48.07 17.05
CA LEU D 296 13.31 46.83 16.41
C LEU D 296 13.58 45.68 17.38
N TYR D 297 12.91 44.55 17.16
CA TYR D 297 13.08 43.41 18.05
C TYR D 297 14.16 42.43 17.58
N TYR D 298 14.99 42.00 18.53
CA TYR D 298 16.08 41.06 18.27
C TYR D 298 16.11 39.97 19.34
N PHE D 299 16.68 38.83 18.98
CA PHE D 299 16.83 37.70 19.91
C PHE D 299 18.33 37.61 20.24
N ALA D 300 18.66 37.80 21.52
CA ALA D 300 20.05 37.72 21.97
C ALA D 300 20.26 36.33 22.56
N PRO D 301 21.03 35.49 21.87
CA PRO D 301 21.28 34.13 22.37
C PRO D 301 22.27 34.13 23.52
N ASP D 302 21.99 33.31 24.54
CA ASP D 302 22.88 33.20 25.66
C ASP D 302 24.17 32.71 25.04
N GLU D 303 25.26 33.45 25.25
CA GLU D 303 26.56 33.14 24.69
C GLU D 303 27.18 31.86 25.22
N THR D 304 26.92 31.54 26.49
CA THR D 304 27.47 30.32 27.07
C THR D 304 26.77 29.10 26.46
N ASP D 305 25.45 29.14 26.40
CA ASP D 305 24.73 28.02 25.81
C ASP D 305 25.02 27.92 24.32
N LEU D 306 25.28 29.06 23.67
CA LEU D 306 25.57 29.03 22.23
C LEU D 306 26.82 28.16 22.11
N GLU D 307 27.82 28.49 22.90
CA GLU D 307 29.07 27.72 22.88
C GLU D 307 28.79 26.24 23.17
N ARG D 308 27.86 26.00 24.09
CA ARG D 308 27.46 24.66 24.49
C ARG D 308 26.76 23.92 23.34
N VAL D 309 26.26 24.67 22.36
CA VAL D 309 25.58 24.10 21.20
C VAL D 309 26.63 23.92 20.09
N ILE D 310 27.45 24.94 19.90
CA ILE D 310 28.51 24.89 18.92
C ILE D 310 29.30 23.62 19.19
N ASN D 311 29.79 23.50 20.41
CA ASN D 311 30.58 22.34 20.81
C ASN D 311 29.79 21.07 20.67
N PHE D 313 27.33 20.41 18.31
CA PHE D 313 27.37 20.03 16.90
C PHE D 313 28.73 19.43 16.52
N LYS D 314 29.82 20.16 16.80
CA LYS D 314 31.16 19.66 16.48
C LYS D 314 31.33 18.21 16.89
N LYS D 315 30.69 17.83 18.00
CA LYS D 315 30.76 16.47 18.54
C LYS D 315 29.79 15.51 17.87
N SER D 316 28.63 16.01 17.45
CA SER D 316 27.66 15.17 16.78
C SER D 316 28.30 14.87 15.43
N LEU D 317 29.06 15.85 14.92
CA LEU D 317 29.79 15.65 13.68
C LEU D 317 31.06 15.06 14.27
N ASP D 318 32.23 15.49 13.83
CA ASP D 318 33.46 14.96 14.42
C ASP D 318 34.51 16.06 14.54
N ILE D 319 34.84 16.44 15.76
CA ILE D 319 35.83 17.48 16.00
C ILE D 319 37.16 16.90 16.46
N THR D 320 38.22 17.63 16.18
CA THR D 320 39.57 17.25 16.55
C THR D 320 40.39 18.52 16.75
#